data_7WHH
#
_entry.id   7WHH
#
_cell.length_a   104.706
_cell.length_b   104.706
_cell.length_c   227.098
_cell.angle_alpha   90.000
_cell.angle_beta   90.000
_cell.angle_gamma   90.000
#
_symmetry.space_group_name_H-M   'P 41 21 2'
#
loop_
_entity.id
_entity.type
_entity.pdbx_description
1 polymer 'Processed angiotensin-converting enzyme 2'
2 polymer 'Spike glycoprotein'
3 branched alpha-L-fucopyranose-(1-3)-[2-acetamido-2-deoxy-beta-D-glucopyranose-(1-4)]2-acetamido-2-deoxy-beta-D-glucopyranose
4 non-polymer 'ZINC ION'
5 non-polymer 'CHLORIDE ION'
6 non-polymer 2-acetamido-2-deoxy-beta-D-glucopyranose
7 water water
#
loop_
_entity_poly.entity_id
_entity_poly.type
_entity_poly.pdbx_seq_one_letter_code
_entity_poly.pdbx_strand_id
1 'polypeptide(L)'
;PSTIEEQAKTFLDKFNHEAEDLFYQSSLASWNYNTNITEENVQNMNNAGDKWSAFLKEQSTLAQMYPLQEIQNLTVKLQL
QALQQNGSSVLSEDKSKRLNTILNTMSTIYSTGKVCNPDNPQECLLLEPGLNEIMANSLDYNERLWAWESWRSEVGKQLR
PLYEEYVVLKNEMARANHYEDYGDYWRGDYEVNGVDGYDYSRGQLIEDVEHTFEEIKPLYEHLHAYVRAKLMNAYPSYIS
PIGCLPAHLLGDMWGRFWTNLYSLTVPFGQKPNIDVTDAMVDQAWDAQRIFKEAEKFFVSVGLPNMTQGFWENSMLTDPG
NVQKAVCHPTAWDLGKGDFRILMCTKVTMDDFLTAHHEMGHIQYDMAYAAQPFLLRNGANEGFHEAVGEIMSLSAATPKH
LKSIGLLSPDFQEDNETEINFLLKQALTIVGTLPFTYMLEKWRWMVFKGEIPKDQWMKKWWEMKREIVGVVEPVPHDETY
CDPASLFHVSNDYSFIRYYTRTLYQFQFQEALCQAAKHEGPLHKCDISNSTEAGQKLFNMLRLGKSEPWTLALENVVGAK
NMNVRPLLNYFEPLFTWLKDQNKNSFVGWSTDWSPYAD
;
A
2 'polypeptide(L)'
;TNLCPFDEVFNATRFASVYAWNRKRISNCVADYSVLYNLAPFFTFKCYGVSPTKLNDLCFTNVYADSFVIRGDEVRQIAP
GQTGNIADYNYKLPDDFTGCVIAWNSNKLDSKVSGNYNYLYRLFRKSNLKPFERDISTEIYQAGNKPCNGVAGFNCYFPL
KSYSFRPTYGVGHQPYRVVVLSFELLHAPATVCG
;
E
#
loop_
_chem_comp.id
_chem_comp.type
_chem_comp.name
_chem_comp.formula
CL non-polymer 'CHLORIDE ION' 'Cl -1'
FUC L-saccharide, alpha linking alpha-L-fucopyranose 'C6 H12 O5'
NAG D-saccharide, beta linking 2-acetamido-2-deoxy-beta-D-glucopyranose 'C8 H15 N O6'
ZN non-polymer 'ZINC ION' 'Zn 2'
#
# COMPACT_ATOMS: atom_id res chain seq x y z
N PRO A 1 -22.64 -3.19 -34.05
CA PRO A 1 -21.74 -4.33 -33.80
C PRO A 1 -20.78 -4.06 -32.64
N SER A 2 -20.84 -4.87 -31.58
CA SER A 2 -20.18 -4.55 -30.32
C SER A 2 -19.14 -5.61 -29.98
N THR A 3 -17.87 -5.21 -29.92
CA THR A 3 -16.79 -6.16 -29.69
C THR A 3 -16.68 -6.50 -28.20
N ILE A 4 -15.99 -7.61 -27.93
CA ILE A 4 -15.78 -8.04 -26.54
C ILE A 4 -14.92 -7.03 -25.80
N GLU A 5 -13.93 -6.44 -26.46
CA GLU A 5 -13.10 -5.43 -25.79
C GLU A 5 -13.92 -4.20 -25.42
N GLU A 6 -14.81 -3.75 -26.31
CA GLU A 6 -15.69 -2.65 -25.95
C GLU A 6 -16.63 -3.05 -24.81
N GLN A 7 -17.11 -4.29 -24.82
CA GLN A 7 -17.96 -4.75 -23.74
C GLN A 7 -17.21 -4.82 -22.42
N ALA A 8 -15.94 -5.23 -22.47
CA ALA A 8 -15.13 -5.29 -21.25
C ALA A 8 -14.90 -3.90 -20.68
N LYS A 9 -14.54 -2.93 -21.53
CA LYS A 9 -14.33 -1.56 -21.07
C LYS A 9 -15.56 -1.04 -20.35
N THR A 10 -16.74 -1.27 -20.92
CA THR A 10 -17.95 -0.78 -20.30
C THR A 10 -18.23 -1.51 -18.99
N PHE A 11 -17.94 -2.81 -18.94
CA PHE A 11 -18.11 -3.56 -17.70
C PHE A 11 -17.21 -3.00 -16.61
N LEU A 12 -15.97 -2.66 -16.97
CA LEU A 12 -15.03 -2.15 -15.97
C LEU A 12 -15.42 -0.76 -15.47
N ASP A 13 -16.03 0.07 -16.32
CA ASP A 13 -16.51 1.36 -15.87
C ASP A 13 -17.57 1.21 -14.79
N LYS A 14 -18.52 0.29 -14.98
CA LYS A 14 -19.50 0.03 -13.94
C LYS A 14 -18.83 -0.50 -12.69
N PHE A 15 -17.96 -1.50 -12.85
CA PHE A 15 -17.27 -2.06 -11.71
C PHE A 15 -16.52 -0.99 -10.94
N ASN A 16 -15.80 -0.12 -11.65
CA ASN A 16 -15.02 0.90 -10.96
C ASN A 16 -15.88 1.77 -10.07
N HIS A 17 -17.05 2.19 -10.57
CA HIS A 17 -17.90 3.03 -9.75
C HIS A 17 -18.40 2.27 -8.52
N GLU A 18 -18.94 1.06 -8.73
CA GLU A 18 -19.48 0.30 -7.60
C GLU A 18 -18.38 -0.08 -6.63
N ALA A 19 -17.24 -0.49 -7.17
CA ALA A 19 -16.15 -0.98 -6.33
C ALA A 19 -15.67 0.10 -5.38
N GLU A 20 -15.49 1.31 -5.90
CA GLU A 20 -14.93 2.40 -5.11
C GLU A 20 -15.82 2.71 -3.92
N ASP A 21 -17.15 2.70 -4.12
CA ASP A 21 -18.06 2.98 -3.01
C ASP A 21 -18.05 1.85 -1.98
N LEU A 22 -18.20 0.60 -2.43
CA LEU A 22 -18.23 -0.51 -1.49
C LEU A 22 -16.90 -0.63 -0.74
N PHE A 23 -15.77 -0.41 -1.43
CA PHE A 23 -14.48 -0.48 -0.77
C PHE A 23 -14.31 0.62 0.27
N TYR A 24 -14.80 1.82 -0.03
CA TYR A 24 -14.71 2.91 0.94
C TYR A 24 -15.47 2.55 2.22
N GLN A 25 -16.65 1.91 2.08
CA GLN A 25 -17.41 1.59 3.29
C GLN A 25 -16.69 0.52 4.11
N SER A 26 -16.09 -0.47 3.44
CA SER A 26 -15.31 -1.46 4.15
C SER A 26 -14.10 -0.83 4.82
N SER A 27 -13.30 -0.04 4.08
CA SER A 27 -12.10 0.56 4.65
C SER A 27 -12.43 1.49 5.82
N LEU A 28 -13.43 2.36 5.66
CA LEU A 28 -13.80 3.22 6.78
C LEU A 28 -14.30 2.40 7.97
N ALA A 29 -15.09 1.36 7.72
CA ALA A 29 -15.54 0.52 8.82
C ALA A 29 -14.36 -0.16 9.51
N SER A 30 -13.36 -0.59 8.74
CA SER A 30 -12.15 -1.12 9.34
C SER A 30 -11.46 -0.06 10.19
N TRP A 31 -11.44 1.18 9.70
CA TRP A 31 -10.78 2.26 10.44
C TRP A 31 -11.43 2.49 11.79
N ASN A 32 -12.76 2.58 11.81
CA ASN A 32 -13.46 2.89 13.06
C ASN A 32 -13.21 1.84 14.12
N TYR A 33 -13.00 0.59 13.72
CA TYR A 33 -12.71 -0.46 14.68
C TYR A 33 -11.28 -0.36 15.18
N ASN A 34 -10.31 -0.27 14.27
CA ASN A 34 -8.91 -0.22 14.67
C ASN A 34 -8.59 1.00 15.53
N THR A 35 -9.35 2.08 15.43
CA THR A 35 -9.15 3.26 16.25
C THR A 35 -10.00 3.29 17.51
N ASN A 36 -11.02 2.43 17.58
CA ASN A 36 -11.99 2.48 18.67
C ASN A 36 -12.54 1.05 18.80
N ILE A 37 -11.89 0.25 19.64
CA ILE A 37 -12.17 -1.18 19.67
C ILE A 37 -13.40 -1.41 20.54
N THR A 38 -14.54 -1.67 19.91
CA THR A 38 -15.78 -1.93 20.59
C THR A 38 -16.49 -3.08 19.90
N GLU A 39 -17.37 -3.75 20.65
CA GLU A 39 -18.14 -4.84 20.06
C GLU A 39 -18.99 -4.35 18.90
N GLU A 40 -19.56 -3.15 19.02
CA GLU A 40 -20.37 -2.63 17.93
C GLU A 40 -19.56 -2.47 16.65
N ASN A 41 -18.33 -1.97 16.76
CA ASN A 41 -17.52 -1.68 15.57
C ASN A 41 -17.00 -2.95 14.92
N VAL A 42 -16.86 -4.04 15.68
CA VAL A 42 -16.55 -5.32 15.06
C VAL A 42 -17.66 -5.72 14.10
N GLN A 43 -18.91 -5.60 14.55
CA GLN A 43 -20.03 -5.97 13.71
C GLN A 43 -20.04 -5.16 12.42
N ASN A 44 -19.97 -3.83 12.54
CA ASN A 44 -20.04 -2.96 11.36
C ASN A 44 -18.90 -3.25 10.41
N MET A 45 -17.71 -3.53 10.96
CA MET A 45 -16.59 -3.89 10.11
C MET A 45 -16.86 -5.17 9.35
N ASN A 46 -17.45 -6.15 10.03
CA ASN A 46 -17.71 -7.43 9.38
C ASN A 46 -18.85 -7.33 8.38
N ASN A 47 -19.89 -6.54 8.70
CA ASN A 47 -20.97 -6.33 7.73
C ASN A 47 -20.44 -5.68 6.45
N ALA A 48 -19.75 -4.55 6.58
CA ALA A 48 -19.22 -3.87 5.39
C ALA A 48 -18.16 -4.70 4.69
N GLY A 49 -17.34 -5.42 5.46
CA GLY A 49 -16.37 -6.31 4.82
C GLY A 49 -17.04 -7.41 4.03
N ASP A 50 -18.10 -7.99 4.59
CA ASP A 50 -18.80 -9.09 3.91
C ASP A 50 -19.52 -8.60 2.67
N LYS A 51 -20.18 -7.44 2.75
CA LYS A 51 -20.76 -6.86 1.54
C LYS A 51 -19.69 -6.66 0.45
N TRP A 52 -18.47 -6.30 0.84
CA TRP A 52 -17.40 -6.10 -0.13
C TRP A 52 -16.94 -7.42 -0.76
N SER A 53 -16.72 -8.44 0.08
CA SER A 53 -16.34 -9.74 -0.47
C SER A 53 -17.41 -10.29 -1.39
N ALA A 54 -18.68 -10.18 -0.99
CA ALA A 54 -19.78 -10.70 -1.80
C ALA A 54 -19.85 -10.01 -3.16
N PHE A 55 -19.64 -8.69 -3.18
CA PHE A 55 -19.60 -7.97 -4.45
C PHE A 55 -18.44 -8.47 -5.31
N LEU A 56 -17.27 -8.70 -4.71
CA LEU A 56 -16.10 -9.12 -5.47
C LEU A 56 -16.29 -10.49 -6.11
N LYS A 57 -16.84 -11.45 -5.36
CA LYS A 57 -17.08 -12.78 -5.93
C LYS A 57 -18.08 -12.71 -7.07
N GLU A 58 -19.12 -11.88 -6.93
CA GLU A 58 -20.08 -11.70 -8.00
C GLU A 58 -19.41 -11.08 -9.23
N GLN A 59 -18.54 -10.08 -9.02
CA GLN A 59 -17.91 -9.40 -10.13
C GLN A 59 -16.81 -10.24 -10.77
N SER A 60 -16.11 -11.06 -9.98
CA SER A 60 -15.16 -12.01 -10.54
C SER A 60 -15.87 -12.96 -11.51
N THR A 61 -16.98 -13.54 -11.08
CA THR A 61 -17.71 -14.48 -11.93
C THR A 61 -18.22 -13.80 -13.20
N LEU A 62 -18.79 -12.59 -13.06
CA LEU A 62 -19.25 -11.85 -14.24
C LEU A 62 -18.09 -11.51 -15.15
N ALA A 63 -16.93 -11.18 -14.57
CA ALA A 63 -15.76 -10.83 -15.37
C ALA A 63 -15.26 -12.00 -16.21
N GLN A 64 -15.40 -13.23 -15.70
CA GLN A 64 -14.89 -14.39 -16.42
C GLN A 64 -15.60 -14.60 -17.75
N MET A 65 -16.80 -14.07 -17.92
CA MET A 65 -17.57 -14.26 -19.14
C MET A 65 -17.09 -13.39 -20.29
N TYR A 66 -16.00 -12.65 -20.09
CA TYR A 66 -15.29 -11.98 -21.17
C TYR A 66 -13.94 -12.68 -21.35
N PRO A 67 -13.64 -13.24 -22.52
CA PRO A 67 -12.39 -14.01 -22.70
C PRO A 67 -11.19 -13.11 -22.91
N LEU A 68 -10.12 -13.36 -22.15
CA LEU A 68 -8.88 -12.61 -22.30
C LEU A 68 -8.31 -12.78 -23.71
N GLN A 69 -8.33 -14.01 -24.23
CA GLN A 69 -7.79 -14.31 -25.55
C GLN A 69 -8.23 -13.30 -26.60
N GLU A 70 -9.37 -12.62 -26.40
CA GLU A 70 -9.92 -11.72 -27.39
C GLU A 70 -9.85 -10.25 -26.96
N ILE A 71 -8.85 -9.87 -26.15
CA ILE A 71 -8.60 -8.49 -25.76
C ILE A 71 -7.19 -8.12 -26.21
N GLN A 72 -7.06 -6.96 -26.87
CA GLN A 72 -5.78 -6.44 -27.36
C GLN A 72 -5.20 -5.35 -26.47
N ASN A 73 -6.02 -4.37 -26.09
CA ASN A 73 -5.61 -3.33 -25.14
C ASN A 73 -5.07 -3.98 -23.86
N LEU A 74 -3.79 -3.72 -23.55
CA LEU A 74 -3.16 -4.41 -22.44
C LEU A 74 -3.64 -3.88 -21.09
N THR A 75 -3.86 -2.57 -20.95
CA THR A 75 -4.31 -2.09 -19.64
C THR A 75 -5.73 -2.57 -19.33
N VAL A 76 -6.56 -2.79 -20.34
CA VAL A 76 -7.84 -3.46 -20.09
C VAL A 76 -7.60 -4.91 -19.69
N LYS A 77 -6.72 -5.61 -20.41
CA LYS A 77 -6.47 -7.00 -20.12
C LYS A 77 -5.98 -7.19 -18.70
N LEU A 78 -5.07 -6.32 -18.24
CA LEU A 78 -4.52 -6.43 -16.89
C LEU A 78 -5.63 -6.33 -15.84
N GLN A 79 -6.53 -5.37 -16.00
CA GLN A 79 -7.63 -5.22 -15.06
C GLN A 79 -8.54 -6.44 -15.10
N LEU A 80 -8.90 -6.91 -16.30
CA LEU A 80 -9.78 -8.08 -16.40
C LEU A 80 -9.15 -9.29 -15.72
N GLN A 81 -7.87 -9.54 -15.96
CA GLN A 81 -7.18 -10.67 -15.36
C GLN A 81 -7.19 -10.61 -13.84
N ALA A 82 -6.94 -9.42 -13.28
CA ALA A 82 -6.84 -9.26 -11.84
C ALA A 82 -8.16 -9.54 -11.14
N LEU A 83 -9.27 -9.12 -11.75
CA LEU A 83 -10.58 -9.43 -11.20
C LEU A 83 -10.98 -10.87 -11.48
N GLN A 84 -10.51 -11.43 -12.59
CA GLN A 84 -10.86 -12.79 -12.98
C GLN A 84 -10.20 -13.86 -12.12
N GLN A 85 -9.12 -13.55 -11.40
CA GLN A 85 -8.54 -14.59 -10.55
C GLN A 85 -9.54 -14.87 -9.43
N ASN A 86 -10.33 -15.94 -9.60
CA ASN A 86 -11.31 -16.36 -8.61
C ASN A 86 -10.70 -17.14 -7.46
N GLY A 87 -9.46 -17.62 -7.63
CA GLY A 87 -8.73 -18.27 -6.56
C GLY A 87 -9.41 -19.49 -5.97
N SER A 88 -9.88 -19.36 -4.72
CA SER A 88 -10.45 -20.50 -4.01
C SER A 88 -11.72 -21.03 -4.67
N SER A 89 -12.50 -20.13 -5.35
CA SER A 89 -13.77 -20.50 -6.00
C SER A 89 -13.59 -21.32 -7.31
N VAL A 90 -12.37 -21.81 -7.58
CA VAL A 90 -12.17 -22.82 -8.60
C VAL A 90 -12.32 -24.23 -8.02
N LEU A 91 -12.20 -24.37 -6.70
CA LEU A 91 -12.44 -25.63 -6.01
C LEU A 91 -13.94 -25.87 -5.83
N SER A 92 -14.30 -27.12 -5.58
CA SER A 92 -15.66 -27.41 -5.18
C SER A 92 -15.99 -26.67 -3.88
N GLU A 93 -17.28 -26.46 -3.66
CA GLU A 93 -17.69 -25.76 -2.45
C GLU A 93 -17.25 -26.51 -1.21
N ASP A 94 -17.21 -27.85 -1.27
CA ASP A 94 -16.74 -28.61 -0.11
C ASP A 94 -15.29 -28.31 0.20
N LYS A 95 -14.43 -28.25 -0.83
CA LYS A 95 -13.01 -27.99 -0.61
C LYS A 95 -12.72 -26.53 -0.26
N SER A 96 -13.49 -25.59 -0.82
CA SER A 96 -13.38 -24.21 -0.35
C SER A 96 -13.64 -24.13 1.14
N LYS A 97 -14.73 -24.75 1.60
CA LYS A 97 -15.05 -24.69 3.01
C LYS A 97 -13.96 -25.33 3.86
N ARG A 98 -13.53 -26.55 3.47
CA ARG A 98 -12.43 -27.21 4.18
C ARG A 98 -11.22 -26.30 4.29
N LEU A 99 -10.79 -25.71 3.17
CA LEU A 99 -9.59 -24.88 3.19
C LEU A 99 -9.77 -23.67 4.10
N ASN A 100 -10.93 -23.03 4.06
CA ASN A 100 -11.11 -21.82 4.84
C ASN A 100 -11.15 -22.13 6.33
N THR A 101 -11.78 -23.25 6.70
CA THR A 101 -11.68 -23.76 8.06
C THR A 101 -10.21 -23.95 8.45
N ILE A 102 -9.45 -24.70 7.64
CA ILE A 102 -8.04 -24.94 7.95
C ILE A 102 -7.30 -23.62 8.15
N LEU A 103 -7.50 -22.67 7.23
CA LEU A 103 -6.81 -21.40 7.38
C LEU A 103 -7.18 -20.74 8.72
N ASN A 104 -8.46 -20.77 9.07
CA ASN A 104 -8.87 -20.12 10.31
C ASN A 104 -8.30 -20.84 11.52
N THR A 105 -8.31 -22.17 11.52
CA THR A 105 -7.76 -22.88 12.66
C THR A 105 -6.26 -22.62 12.81
N MET A 106 -5.53 -22.58 11.69
CA MET A 106 -4.09 -22.28 11.81
C MET A 106 -3.87 -20.88 12.35
N SER A 107 -4.68 -19.93 11.91
CA SER A 107 -4.52 -18.56 12.37
C SER A 107 -4.83 -18.40 13.86
N THR A 108 -5.88 -19.07 14.37
CA THR A 108 -6.19 -18.79 15.76
C THR A 108 -5.28 -19.59 16.70
N ILE A 109 -4.77 -20.74 16.26
CA ILE A 109 -3.74 -21.44 17.04
C ILE A 109 -2.50 -20.56 17.18
N TYR A 110 -2.09 -19.92 16.09
CA TYR A 110 -0.91 -19.08 16.14
C TYR A 110 -1.11 -17.90 17.08
N SER A 111 -2.29 -17.31 17.09
CA SER A 111 -2.50 -16.08 17.83
C SER A 111 -3.01 -16.32 19.25
N THR A 112 -3.49 -17.52 19.57
CA THR A 112 -3.88 -17.87 20.93
C THR A 112 -3.02 -18.94 21.55
N GLY A 113 -2.02 -19.44 20.83
CA GLY A 113 -1.17 -20.48 21.39
C GLY A 113 -0.43 -19.99 22.62
N LYS A 114 -0.37 -20.85 23.64
CA LYS A 114 0.23 -20.46 24.90
C LYS A 114 1.10 -21.59 25.40
N VAL A 115 2.19 -21.24 26.10
CA VAL A 115 3.01 -22.19 26.83
C VAL A 115 3.06 -21.78 28.29
N CYS A 116 3.16 -22.75 29.17
CA CYS A 116 3.14 -22.49 30.60
C CYS A 116 4.42 -23.02 31.21
N ASN A 117 4.95 -22.27 32.19
CA ASN A 117 6.25 -22.61 32.76
C ASN A 117 6.13 -23.91 33.55
N PRO A 118 7.01 -24.90 33.31
CA PRO A 118 6.84 -26.20 33.95
C PRO A 118 7.21 -26.14 35.42
N ASP A 119 6.76 -25.08 36.09
CA ASP A 119 6.72 -24.88 37.54
C ASP A 119 5.35 -24.44 38.03
N ASN A 120 4.64 -23.61 37.26
CA ASN A 120 3.28 -23.20 37.60
C ASN A 120 2.35 -23.48 36.43
N PRO A 121 1.36 -24.36 36.61
CA PRO A 121 0.43 -24.65 35.50
C PRO A 121 -0.44 -23.46 35.07
N GLN A 122 -0.61 -22.44 35.92
CA GLN A 122 -1.51 -21.35 35.60
C GLN A 122 -0.80 -20.06 35.16
N GLU A 123 0.54 -20.02 35.20
CA GLU A 123 1.30 -18.85 34.77
C GLU A 123 1.82 -19.10 33.35
N CYS A 124 1.11 -18.56 32.34
CA CYS A 124 1.34 -18.90 30.96
C CYS A 124 1.69 -17.67 30.12
N LEU A 125 2.35 -17.94 29.00
CA LEU A 125 2.80 -16.89 28.08
C LEU A 125 2.26 -17.16 26.68
N LEU A 126 1.81 -16.10 26.02
CA LEU A 126 1.56 -16.11 24.58
C LEU A 126 2.84 -15.73 23.85
N LEU A 127 2.81 -15.89 22.52
CA LEU A 127 3.96 -15.45 21.73
C LEU A 127 4.18 -13.96 21.91
N GLU A 128 3.11 -13.17 21.75
CA GLU A 128 3.17 -11.73 21.89
C GLU A 128 2.37 -11.29 23.11
N PRO A 129 2.97 -10.64 24.12
CA PRO A 129 4.36 -10.22 24.29
C PRO A 129 5.26 -11.26 24.98
N GLY A 130 4.67 -12.29 25.57
CA GLY A 130 5.38 -13.19 26.46
C GLY A 130 6.66 -13.83 25.92
N LEU A 131 6.53 -14.64 24.87
CA LEU A 131 7.68 -15.33 24.34
C LEU A 131 8.60 -14.39 23.58
N ASN A 132 8.04 -13.41 22.86
CA ASN A 132 8.87 -12.45 22.14
C ASN A 132 9.74 -11.64 23.10
N GLU A 133 9.29 -11.40 24.32
CA GLU A 133 10.12 -10.64 25.23
C GLU A 133 11.31 -11.47 25.68
N ILE A 134 11.12 -12.78 25.84
CA ILE A 134 12.24 -13.64 26.17
C ILE A 134 13.26 -13.65 25.04
N MET A 135 12.79 -13.85 23.81
CA MET A 135 13.68 -14.08 22.69
C MET A 135 14.43 -12.82 22.26
N ALA A 136 13.91 -11.63 22.55
CA ALA A 136 14.65 -10.43 22.19
C ALA A 136 15.51 -9.87 23.31
N ASN A 137 15.29 -10.28 24.56
CA ASN A 137 15.97 -9.61 25.67
C ASN A 137 16.76 -10.51 26.59
N SER A 138 16.44 -11.78 26.65
CA SER A 138 17.10 -12.66 27.59
C SER A 138 18.50 -13.01 27.11
N LEU A 139 19.45 -12.99 28.03
CA LEU A 139 20.77 -13.54 27.78
C LEU A 139 20.94 -14.98 28.26
N ASP A 140 19.93 -15.55 28.95
CA ASP A 140 20.06 -16.84 29.62
C ASP A 140 19.82 -17.98 28.63
N TYR A 141 20.82 -18.84 28.43
CA TYR A 141 20.73 -19.89 27.42
C TYR A 141 19.53 -20.79 27.63
N ASN A 142 19.28 -21.23 28.88
CA ASN A 142 18.21 -22.22 29.11
C ASN A 142 16.83 -21.58 29.02
N GLU A 143 16.69 -20.33 29.43
CA GLU A 143 15.39 -19.69 29.31
C GLU A 143 15.02 -19.49 27.84
N ARG A 144 15.96 -18.99 27.05
CA ARG A 144 15.72 -18.89 25.62
C ARG A 144 15.42 -20.27 25.03
N LEU A 145 16.18 -21.30 25.43
CA LEU A 145 15.94 -22.62 24.87
C LEU A 145 14.52 -23.11 25.21
N TRP A 146 14.06 -22.84 26.42
CA TRP A 146 12.72 -23.24 26.82
C TRP A 146 11.67 -22.55 25.96
N ALA A 147 11.82 -21.25 25.73
CA ALA A 147 10.85 -20.54 24.89
C ALA A 147 10.87 -21.06 23.45
N TRP A 148 12.05 -21.14 22.85
CA TRP A 148 12.16 -21.59 21.47
C TRP A 148 11.56 -22.97 21.30
N GLU A 149 11.89 -23.89 22.20
CA GLU A 149 11.48 -25.28 22.02
C GLU A 149 10.01 -25.47 22.34
N SER A 150 9.52 -24.88 23.41
CA SER A 150 8.14 -25.18 23.75
C SER A 150 7.17 -24.46 22.82
N TRP A 151 7.59 -23.34 22.22
CA TRP A 151 6.75 -22.73 21.20
C TRP A 151 6.54 -23.69 20.04
N ARG A 152 7.63 -24.29 19.56
CA ARG A 152 7.55 -25.23 18.44
C ARG A 152 6.91 -26.56 18.82
N SER A 153 6.96 -26.96 20.08
CA SER A 153 6.44 -28.26 20.46
C SER A 153 5.00 -28.20 20.96
N GLU A 154 4.54 -27.04 21.41
CA GLU A 154 3.16 -26.90 21.87
C GLU A 154 2.25 -26.46 20.75
N VAL A 155 2.67 -25.46 20.00
CA VAL A 155 1.87 -24.87 18.94
C VAL A 155 2.21 -25.48 17.59
N GLY A 156 3.50 -25.55 17.27
CA GLY A 156 3.90 -26.09 15.99
C GLY A 156 3.42 -27.50 15.75
N LYS A 157 3.47 -28.35 16.79
CA LYS A 157 2.95 -29.70 16.64
C LYS A 157 1.45 -29.70 16.35
N GLN A 158 0.74 -28.67 16.79
CA GLN A 158 -0.67 -28.58 16.44
C GLN A 158 -0.86 -28.27 14.97
N LEU A 159 0.04 -27.48 14.40
CA LEU A 159 -0.13 -27.03 13.02
C LEU A 159 0.28 -28.08 12.00
N ARG A 160 1.00 -29.13 12.42
CA ARG A 160 1.54 -30.10 11.48
C ARG A 160 0.47 -30.81 10.66
N PRO A 161 -0.53 -31.47 11.26
CA PRO A 161 -1.59 -32.06 10.41
C PRO A 161 -2.33 -31.03 9.59
N LEU A 162 -2.63 -29.86 10.17
CA LEU A 162 -3.36 -28.85 9.41
C LEU A 162 -2.56 -28.39 8.21
N TYR A 163 -1.26 -28.16 8.42
CA TYR A 163 -0.41 -27.69 7.34
C TYR A 163 -0.32 -28.71 6.21
N GLU A 164 -0.31 -30.01 6.55
CA GLU A 164 -0.30 -31.04 5.52
C GLU A 164 -1.53 -30.93 4.64
N GLU A 165 -2.69 -30.70 5.24
CA GLU A 165 -3.92 -30.60 4.47
C GLU A 165 -3.99 -29.28 3.69
N TYR A 166 -3.34 -28.24 4.21
CA TYR A 166 -3.26 -26.95 3.51
C TYR A 166 -2.48 -27.07 2.18
N VAL A 167 -1.35 -27.79 2.18
CA VAL A 167 -0.58 -27.98 0.94
C VAL A 167 -1.44 -28.65 -0.13
N VAL A 168 -2.13 -29.74 0.24
CA VAL A 168 -2.89 -30.52 -0.73
C VAL A 168 -3.95 -29.65 -1.39
N LEU A 169 -4.70 -28.89 -0.58
CA LEU A 169 -5.80 -28.10 -1.11
C LEU A 169 -5.29 -26.88 -1.87
N LYS A 170 -4.23 -26.25 -1.38
CA LYS A 170 -3.69 -25.11 -2.13
C LYS A 170 -3.12 -25.57 -3.46
N ASN A 171 -2.48 -26.74 -3.49
CA ASN A 171 -2.02 -27.24 -4.77
C ASN A 171 -3.20 -27.54 -5.71
N GLU A 172 -4.28 -28.14 -5.20
CA GLU A 172 -5.41 -28.40 -6.07
C GLU A 172 -5.98 -27.10 -6.63
N MET A 173 -6.08 -26.07 -5.78
CA MET A 173 -6.54 -24.78 -6.25
C MET A 173 -5.60 -24.24 -7.33
N ALA A 174 -4.29 -24.27 -7.05
CA ALA A 174 -3.32 -23.74 -8.00
C ALA A 174 -3.36 -24.51 -9.33
N ARG A 175 -3.40 -25.83 -9.26
CA ARG A 175 -3.38 -26.62 -10.48
C ARG A 175 -4.65 -26.42 -11.31
N ALA A 176 -5.79 -26.20 -10.64
CA ALA A 176 -7.03 -25.96 -11.37
C ALA A 176 -7.05 -24.60 -12.05
N ASN A 177 -6.26 -23.64 -11.56
CA ASN A 177 -6.04 -22.37 -12.25
C ASN A 177 -4.85 -22.42 -13.20
N HIS A 178 -4.37 -23.62 -13.54
CA HIS A 178 -3.34 -23.86 -14.55
C HIS A 178 -1.96 -23.37 -14.15
N TYR A 179 -1.71 -23.17 -12.86
CA TYR A 179 -0.35 -23.09 -12.36
C TYR A 179 0.14 -24.49 -12.07
N GLU A 180 1.43 -24.64 -11.87
CA GLU A 180 1.88 -26.00 -11.63
C GLU A 180 1.85 -26.38 -10.15
N ASP A 181 1.78 -25.41 -9.26
CA ASP A 181 1.55 -25.67 -7.84
C ASP A 181 1.39 -24.32 -7.16
N TYR A 182 1.13 -24.33 -5.85
CA TYR A 182 0.83 -23.09 -5.17
C TYR A 182 2.04 -22.15 -5.17
N GLY A 183 3.25 -22.70 -5.06
CA GLY A 183 4.43 -21.86 -5.14
C GLY A 183 4.54 -21.14 -6.46
N ASP A 184 4.34 -21.87 -7.56
CA ASP A 184 4.31 -21.24 -8.87
C ASP A 184 3.21 -20.18 -8.95
N TYR A 185 2.05 -20.45 -8.35
CA TYR A 185 0.98 -19.47 -8.24
C TYR A 185 1.46 -18.20 -7.55
N TRP A 186 2.19 -18.33 -6.44
CA TRP A 186 2.71 -17.15 -5.77
C TRP A 186 3.69 -16.38 -6.67
N ARG A 187 4.60 -17.10 -7.35
CA ARG A 187 5.56 -16.39 -8.18
C ARG A 187 4.87 -15.66 -9.32
N GLY A 188 3.60 -15.99 -9.60
CA GLY A 188 2.81 -15.28 -10.60
C GLY A 188 2.79 -13.77 -10.40
N ASP A 189 3.02 -13.32 -9.17
CA ASP A 189 3.03 -11.90 -8.89
C ASP A 189 4.08 -11.15 -9.70
N TYR A 190 5.14 -11.83 -10.18
CA TYR A 190 6.21 -11.21 -10.94
C TYR A 190 6.07 -11.42 -12.44
N GLU A 191 5.05 -12.14 -12.87
CA GLU A 191 4.87 -12.45 -14.28
C GLU A 191 4.56 -11.20 -15.10
N VAL A 192 5.17 -11.12 -16.28
CA VAL A 192 4.83 -10.11 -17.27
C VAL A 192 4.76 -10.80 -18.61
N ASN A 193 3.64 -10.61 -19.33
CA ASN A 193 3.47 -11.20 -20.65
C ASN A 193 3.10 -10.14 -21.67
N GLY A 194 3.46 -10.39 -22.92
CA GLY A 194 2.93 -9.64 -24.03
C GLY A 194 3.51 -8.25 -24.26
N VAL A 195 4.54 -7.85 -23.50
CA VAL A 195 5.18 -6.54 -23.64
C VAL A 195 6.65 -6.76 -24.02
N ASP A 196 6.97 -6.56 -25.30
CA ASP A 196 8.30 -6.92 -25.81
C ASP A 196 9.40 -6.09 -25.16
N GLY A 197 10.43 -6.78 -24.67
CA GLY A 197 11.51 -6.16 -23.95
C GLY A 197 11.36 -6.15 -22.44
N TYR A 198 10.15 -6.37 -21.93
CA TYR A 198 9.88 -6.30 -20.50
C TYR A 198 9.22 -7.55 -19.95
N ASP A 199 9.16 -8.64 -20.71
CA ASP A 199 8.51 -9.83 -20.21
C ASP A 199 9.32 -10.48 -19.08
N TYR A 200 8.62 -11.20 -18.23
CA TYR A 200 9.24 -11.87 -17.09
C TYR A 200 8.39 -13.09 -16.72
N SER A 201 9.01 -14.25 -16.66
CA SER A 201 8.32 -15.50 -16.39
C SER A 201 8.38 -15.88 -14.91
N ARG A 202 7.44 -16.74 -14.49
CA ARG A 202 7.42 -17.19 -13.10
C ARG A 202 8.66 -18.00 -12.76
N GLY A 203 9.12 -18.83 -13.69
CA GLY A 203 10.32 -19.61 -13.44
C GLY A 203 11.58 -18.78 -13.39
N GLN A 204 11.57 -17.59 -13.99
CA GLN A 204 12.73 -16.70 -13.97
C GLN A 204 12.95 -16.11 -12.57
N LEU A 205 11.92 -16.02 -11.75
CA LEU A 205 12.15 -15.46 -10.42
C LEU A 205 13.04 -16.38 -9.58
N ILE A 206 12.87 -17.71 -9.70
CA ILE A 206 13.74 -18.61 -8.95
C ILE A 206 15.19 -18.40 -9.36
N GLU A 207 15.43 -18.27 -10.67
CA GLU A 207 16.79 -18.07 -11.18
C GLU A 207 17.39 -16.78 -10.64
N ASP A 208 16.66 -15.67 -10.76
CA ASP A 208 17.21 -14.39 -10.30
C ASP A 208 17.39 -14.35 -8.80
N VAL A 209 16.51 -15.00 -8.04
CA VAL A 209 16.70 -15.04 -6.60
C VAL A 209 17.97 -15.81 -6.25
N GLU A 210 18.16 -16.98 -6.89
CA GLU A 210 19.34 -17.80 -6.59
C GLU A 210 20.62 -17.17 -7.10
N HIS A 211 20.59 -16.57 -8.30
CA HIS A 211 21.79 -15.92 -8.82
CA HIS A 211 21.79 -15.91 -8.84
C HIS A 211 22.21 -14.73 -7.97
N THR A 212 21.23 -13.98 -7.45
CA THR A 212 21.59 -12.84 -6.62
C THR A 212 22.01 -13.31 -5.25
N PHE A 213 21.40 -14.38 -4.75
CA PHE A 213 21.79 -14.90 -3.45
C PHE A 213 23.24 -15.39 -3.46
N GLU A 214 23.74 -15.90 -4.59
CA GLU A 214 25.14 -16.30 -4.63
C GLU A 214 26.05 -15.10 -4.37
N GLU A 215 25.70 -13.94 -4.91
CA GLU A 215 26.58 -12.80 -4.73
C GLU A 215 26.53 -12.22 -3.32
N ILE A 216 25.48 -12.53 -2.55
CA ILE A 216 25.35 -12.08 -1.17
C ILE A 216 26.07 -13.00 -0.21
N LYS A 217 26.34 -14.23 -0.64
CA LYS A 217 26.96 -15.22 0.24
C LYS A 217 28.23 -14.74 0.92
N PRO A 218 29.21 -14.14 0.24
CA PRO A 218 30.45 -13.77 0.95
C PRO A 218 30.25 -12.73 2.03
N LEU A 219 29.45 -11.69 1.77
CA LEU A 219 29.15 -10.74 2.84
C LEU A 219 28.43 -11.42 4.00
N TYR A 220 27.51 -12.35 3.71
CA TYR A 220 26.80 -13.05 4.79
C TYR A 220 27.72 -13.95 5.60
N GLU A 221 28.61 -14.69 4.94
CA GLU A 221 29.51 -15.56 5.68
C GLU A 221 30.40 -14.76 6.62
N HIS A 222 30.91 -13.61 6.16
CA HIS A 222 31.74 -12.80 7.04
C HIS A 222 30.92 -12.15 8.14
N LEU A 223 29.67 -11.76 7.86
CA LEU A 223 28.82 -11.27 8.94
C LEU A 223 28.61 -12.38 9.95
N HIS A 224 28.28 -13.58 9.46
CA HIS A 224 28.06 -14.75 10.29
C HIS A 224 29.29 -15.08 11.11
N ALA A 225 30.48 -15.06 10.47
CA ALA A 225 31.70 -15.40 11.19
C ALA A 225 31.99 -14.38 12.29
N TYR A 226 31.73 -13.09 12.03
CA TYR A 226 32.00 -12.10 13.07
C TYR A 226 31.02 -12.25 14.24
N VAL A 227 29.74 -12.45 13.94
CA VAL A 227 28.73 -12.64 14.98
C VAL A 227 29.05 -13.87 15.80
N ARG A 228 29.36 -15.00 15.13
CA ARG A 228 29.70 -16.23 15.84
C ARG A 228 30.89 -16.03 16.76
N ALA A 229 31.91 -15.31 16.31
CA ALA A 229 33.07 -15.09 17.17
C ALA A 229 32.67 -14.30 18.41
N LYS A 230 31.89 -13.22 18.25
CA LYS A 230 31.52 -12.41 19.40
C LYS A 230 30.65 -13.20 20.39
N LEU A 231 29.69 -13.99 19.88
CA LEU A 231 28.87 -14.82 20.75
C LEU A 231 29.68 -15.95 21.40
N MET A 232 30.70 -16.45 20.70
CA MET A 232 31.55 -17.45 21.33
C MET A 232 32.23 -16.88 22.57
N ASN A 233 32.51 -15.57 22.58
CA ASN A 233 33.12 -14.95 23.76
C ASN A 233 32.12 -14.87 24.89
N ALA A 234 30.86 -14.59 24.58
CA ALA A 234 29.86 -14.51 25.63
C ALA A 234 29.44 -15.91 26.10
N TYR A 235 29.39 -16.89 25.20
CA TYR A 235 28.91 -18.24 25.51
C TYR A 235 29.95 -19.26 25.13
N PRO A 236 31.10 -19.28 25.82
CA PRO A 236 32.20 -20.15 25.38
C PRO A 236 31.87 -21.64 25.38
N SER A 237 30.98 -22.10 26.26
CA SER A 237 30.70 -23.53 26.31
C SER A 237 29.54 -23.94 25.41
N TYR A 238 28.91 -23.01 24.70
CA TYR A 238 27.73 -23.31 23.92
C TYR A 238 27.91 -23.14 22.43
N ILE A 239 29.03 -22.58 21.97
CA ILE A 239 29.20 -22.26 20.57
C ILE A 239 30.55 -22.78 20.08
N SER A 240 30.53 -23.51 19.04
CA SER A 240 31.71 -24.06 18.39
C SER A 240 32.29 -23.06 17.40
N PRO A 241 33.61 -22.87 17.37
CA PRO A 241 34.18 -21.87 16.45
C PRO A 241 34.04 -22.26 14.98
N ILE A 242 33.56 -23.46 14.66
CA ILE A 242 33.35 -23.85 13.26
C ILE A 242 31.89 -24.20 12.96
N GLY A 243 31.01 -24.23 13.95
CA GLY A 243 29.66 -24.68 13.71
C GLY A 243 28.69 -23.57 13.34
N CYS A 244 27.45 -24.00 13.12
CA CYS A 244 26.33 -23.11 12.97
C CYS A 244 26.02 -22.39 14.28
N LEU A 245 25.33 -21.27 14.17
CA LEU A 245 24.78 -20.57 15.33
C LEU A 245 23.55 -21.31 15.84
N PRO A 246 23.43 -21.57 17.14
CA PRO A 246 22.22 -22.21 17.64
C PRO A 246 21.02 -21.30 17.42
N ALA A 247 19.91 -21.90 16.98
CA ALA A 247 18.76 -21.16 16.47
C ALA A 247 18.02 -20.36 17.52
N HIS A 248 18.28 -20.58 18.80
CA HIS A 248 17.58 -19.87 19.86
C HIS A 248 18.40 -18.73 20.42
N LEU A 249 19.57 -18.42 19.82
CA LEU A 249 20.45 -17.36 20.28
C LEU A 249 20.57 -16.21 19.26
N LEU A 250 19.51 -15.95 18.48
CA LEU A 250 19.61 -15.00 17.39
C LEU A 250 18.78 -13.73 17.61
N GLY A 251 18.09 -13.60 18.72
CA GLY A 251 17.49 -12.34 19.06
C GLY A 251 16.01 -12.21 18.75
N ASP A 252 15.40 -13.16 18.03
CA ASP A 252 13.95 -13.28 18.06
C ASP A 252 13.57 -14.76 17.97
N MET A 253 12.27 -15.02 17.83
CA MET A 253 11.78 -16.38 17.95
C MET A 253 12.28 -17.30 16.82
N TRP A 254 12.77 -16.73 15.71
CA TRP A 254 13.15 -17.52 14.55
C TRP A 254 14.54 -17.25 14.04
N GLY A 255 15.20 -16.20 14.53
CA GLY A 255 16.37 -15.72 13.82
C GLY A 255 16.02 -15.06 12.53
N ARG A 256 14.79 -14.52 12.41
CA ARG A 256 14.37 -13.80 11.21
C ARG A 256 15.21 -12.56 10.99
N PHE A 257 15.43 -11.77 12.03
CA PHE A 257 16.40 -10.69 11.98
C PHE A 257 17.38 -10.90 13.13
N TRP A 258 18.60 -10.36 12.99
CA TRP A 258 19.61 -10.44 14.05
C TRP A 258 19.78 -9.12 14.78
N THR A 259 18.79 -8.21 14.65
CA THR A 259 18.88 -6.87 15.21
C THR A 259 19.32 -6.89 16.67
N ASN A 260 18.73 -7.76 17.46
CA ASN A 260 18.93 -7.71 18.91
C ASN A 260 20.26 -8.31 19.36
N LEU A 261 21.07 -8.84 18.44
CA LEU A 261 22.43 -9.20 18.81
C LEU A 261 23.35 -8.00 18.89
N TYR A 262 22.88 -6.81 18.52
CA TYR A 262 23.77 -5.65 18.43
C TYR A 262 24.58 -5.44 19.70
N SER A 263 23.93 -5.55 20.87
CA SER A 263 24.64 -5.20 22.11
C SER A 263 25.78 -6.17 22.41
N LEU A 264 25.71 -7.41 21.94
CA LEU A 264 26.82 -8.33 22.11
C LEU A 264 27.83 -8.28 20.98
N THR A 265 27.53 -7.59 19.87
CA THR A 265 28.40 -7.59 18.72
C THR A 265 28.90 -6.21 18.28
N VAL A 266 28.55 -5.15 18.99
CA VAL A 266 28.86 -3.80 18.52
C VAL A 266 30.36 -3.67 18.35
N PRO A 267 30.84 -3.31 17.16
CA PRO A 267 32.30 -3.26 16.92
C PRO A 267 33.09 -2.33 17.83
N PHE A 268 32.57 -1.14 18.09
CA PHE A 268 33.28 -0.12 18.87
C PHE A 268 32.35 0.35 19.98
N GLY A 269 32.39 -0.38 21.09
CA GLY A 269 31.40 -0.36 22.14
C GLY A 269 31.40 0.81 23.07
N GLN A 270 32.26 1.81 22.84
CA GLN A 270 32.22 3.01 23.66
C GLN A 270 31.99 4.28 22.86
N LYS A 271 31.84 4.17 21.55
CA LYS A 271 31.47 5.34 20.74
C LYS A 271 30.00 5.67 20.96
N PRO A 272 29.67 6.92 21.23
CA PRO A 272 28.25 7.27 21.38
C PRO A 272 27.45 6.82 20.16
N ASN A 273 26.27 6.26 20.42
CA ASN A 273 25.31 6.00 19.36
C ASN A 273 24.51 7.29 19.08
N ILE A 274 23.82 7.30 17.94
CA ILE A 274 23.01 8.44 17.55
C ILE A 274 21.55 8.16 17.93
N ASP A 275 21.06 8.90 18.92
CA ASP A 275 19.67 8.82 19.34
C ASP A 275 19.21 10.25 19.62
N VAL A 276 18.27 10.75 18.80
CA VAL A 276 17.85 12.14 18.89
C VAL A 276 16.60 12.28 19.75
N THR A 277 16.24 11.22 20.48
CA THR A 277 15.07 11.29 21.34
C THR A 277 15.18 12.42 22.35
N ASP A 278 16.31 12.52 23.05
CA ASP A 278 16.44 13.54 24.08
C ASP A 278 16.33 14.95 23.50
N ALA A 279 16.78 15.16 22.25
CA ALA A 279 16.68 16.47 21.64
C ALA A 279 15.23 16.81 21.31
N MET A 280 14.45 15.83 20.84
CA MET A 280 13.04 16.06 20.54
C MET A 280 12.30 16.45 21.81
N VAL A 281 12.52 15.72 22.90
CA VAL A 281 11.87 16.04 24.17
C VAL A 281 12.30 17.43 24.64
N ASP A 282 13.59 17.74 24.56
CA ASP A 282 14.07 19.05 25.00
C ASP A 282 13.40 20.16 24.19
N GLN A 283 13.17 19.93 22.90
CA GLN A 283 12.58 20.92 22.00
C GLN A 283 11.06 20.88 21.96
N ALA A 284 10.42 20.07 22.82
CA ALA A 284 8.95 20.02 22.97
C ALA A 284 8.25 19.62 21.67
N TRP A 285 8.80 18.64 20.98
CA TRP A 285 8.11 18.07 19.82
C TRP A 285 6.97 17.18 20.27
N ASP A 286 5.90 17.16 19.50
CA ASP A 286 4.82 16.21 19.70
C ASP A 286 4.62 15.40 18.43
N ALA A 287 3.56 14.58 18.42
CA ALA A 287 3.27 13.80 17.22
C ALA A 287 3.04 14.70 16.02
N GLN A 288 2.32 15.81 16.22
CA GLN A 288 2.09 16.76 15.14
C GLN A 288 3.40 17.18 14.49
N ARG A 289 4.38 17.60 15.29
CA ARG A 289 5.62 18.10 14.71
C ARG A 289 6.34 17.03 13.91
N ILE A 290 6.34 15.79 14.40
CA ILE A 290 7.00 14.71 13.67
C ILE A 290 6.42 14.58 12.26
N PHE A 291 5.11 14.52 12.16
CA PHE A 291 4.48 14.36 10.86
C PHE A 291 4.62 15.62 10.02
N LYS A 292 4.69 16.79 10.65
CA LYS A 292 4.99 17.99 9.89
C LYS A 292 6.39 17.93 9.30
N GLU A 293 7.36 17.42 10.06
CA GLU A 293 8.71 17.29 9.52
C GLU A 293 8.76 16.29 8.36
N ALA A 294 8.08 15.15 8.50
CA ALA A 294 8.07 14.20 7.39
C ALA A 294 7.40 14.79 6.15
N GLU A 295 6.35 15.57 6.36
CA GLU A 295 5.73 16.26 5.23
C GLU A 295 6.70 17.25 4.59
N LYS A 296 7.41 18.02 5.42
CA LYS A 296 8.45 18.90 4.91
C LYS A 296 9.48 18.11 4.10
N PHE A 297 9.74 16.85 4.49
CA PHE A 297 10.72 16.04 3.77
C PHE A 297 10.29 15.80 2.34
N PHE A 298 9.06 15.33 2.14
CA PHE A 298 8.61 14.99 0.79
C PHE A 298 8.37 16.25 -0.03
N VAL A 299 7.91 17.33 0.59
CA VAL A 299 7.75 18.58 -0.14
C VAL A 299 9.09 19.07 -0.67
N SER A 300 10.18 18.86 0.10
CA SER A 300 11.49 19.33 -0.31
C SER A 300 12.01 18.61 -1.56
N VAL A 301 11.41 17.49 -1.96
CA VAL A 301 11.81 16.82 -3.18
C VAL A 301 10.75 16.98 -4.28
N GLY A 302 9.73 17.79 -4.04
CA GLY A 302 8.77 18.15 -5.07
C GLY A 302 7.50 17.33 -5.09
N LEU A 303 7.29 16.45 -4.13
CA LEU A 303 6.04 15.73 -3.99
C LEU A 303 5.03 16.59 -3.23
N PRO A 304 3.74 16.25 -3.28
CA PRO A 304 2.74 17.14 -2.69
C PRO A 304 2.75 17.09 -1.17
N ASN A 305 2.16 18.12 -0.58
CA ASN A 305 1.89 18.08 0.85
C ASN A 305 0.79 17.07 1.14
N MET A 306 0.47 16.89 2.41
CA MET A 306 -0.63 16.02 2.74
C MET A 306 -1.95 16.74 2.52
N THR A 307 -3.01 15.98 2.26
CA THR A 307 -4.32 16.58 2.05
C THR A 307 -4.85 17.18 3.35
N GLN A 308 -5.85 18.05 3.21
CA GLN A 308 -6.49 18.62 4.40
C GLN A 308 -7.15 17.52 5.22
N GLY A 309 -7.73 16.53 4.53
CA GLY A 309 -8.33 15.40 5.20
C GLY A 309 -7.34 14.56 5.98
N PHE A 310 -6.08 14.49 5.52
CA PHE A 310 -5.10 13.68 6.24
C PHE A 310 -4.92 14.18 7.67
N TRP A 311 -4.82 15.50 7.85
CA TRP A 311 -4.58 16.03 9.19
C TRP A 311 -5.82 15.87 10.07
N GLU A 312 -7.01 16.10 9.51
CA GLU A 312 -8.23 16.07 10.32
C GLU A 312 -8.61 14.64 10.71
N ASN A 313 -8.43 13.67 9.81
CA ASN A 313 -9.00 12.34 9.97
C ASN A 313 -8.01 11.29 10.43
N SER A 314 -6.70 11.55 10.36
CA SER A 314 -5.75 10.56 10.85
C SER A 314 -5.82 10.47 12.36
N MET A 315 -5.26 9.39 12.89
CA MET A 315 -5.02 9.25 14.31
C MET A 315 -3.52 9.09 14.52
N LEU A 316 -2.89 10.14 15.03
CA LEU A 316 -1.45 10.17 15.17
C LEU A 316 -0.98 9.96 16.59
N THR A 317 -1.88 10.02 17.58
CA THR A 317 -1.52 9.72 18.96
C THR A 317 -2.47 8.66 19.49
N ASP A 318 -2.00 7.95 20.51
CA ASP A 318 -2.85 7.01 21.24
C ASP A 318 -4.05 7.76 21.83
N PRO A 319 -5.31 7.30 21.57
CA PRO A 319 -6.52 8.07 21.89
C PRO A 319 -6.86 8.09 23.38
N GLY A 320 -5.85 8.26 24.21
CA GLY A 320 -6.10 8.19 25.62
C GLY A 320 -6.27 6.75 26.07
N ASN A 321 -7.15 6.57 27.06
CA ASN A 321 -7.36 5.26 27.67
C ASN A 321 -8.80 4.77 27.63
N VAL A 322 -9.78 5.66 27.53
CA VAL A 322 -11.17 5.21 27.36
C VAL A 322 -11.28 4.29 26.16
N GLN A 323 -11.00 4.81 24.96
CA GLN A 323 -11.01 3.97 23.77
C GLN A 323 -9.67 3.28 23.58
N LYS A 324 -9.72 2.01 23.16
CA LYS A 324 -8.53 1.24 22.82
C LYS A 324 -8.37 1.16 21.31
N ALA A 325 -7.13 0.97 20.87
CA ALA A 325 -6.80 1.03 19.46
C ALA A 325 -5.77 -0.03 19.12
N VAL A 326 -5.76 -0.47 17.86
CA VAL A 326 -4.72 -1.34 17.35
C VAL A 326 -3.56 -0.46 16.88
N CYS A 327 -2.44 -0.51 17.62
CA CYS A 327 -1.39 0.49 17.50
C CYS A 327 -0.30 0.13 16.47
N HIS A 328 -0.42 -0.98 15.77
CA HIS A 328 0.54 -1.25 14.71
C HIS A 328 0.47 -0.12 13.68
N PRO A 329 1.61 0.50 13.30
CA PRO A 329 1.55 1.66 12.40
C PRO A 329 1.21 1.24 10.98
N THR A 330 0.21 1.92 10.40
CA THR A 330 -0.31 1.55 9.08
C THR A 330 -0.73 2.80 8.31
N ALA A 331 -0.48 2.80 7.01
CA ALA A 331 -0.92 3.87 6.13
C ALA A 331 -2.15 3.39 5.38
N TRP A 332 -3.20 4.23 5.32
CA TRP A 332 -4.52 3.83 4.83
C TRP A 332 -4.87 4.60 3.58
N ASP A 333 -5.26 3.88 2.53
CA ASP A 333 -5.81 4.46 1.30
C ASP A 333 -7.24 3.96 1.17
N LEU A 334 -8.20 4.80 1.53
CA LEU A 334 -9.60 4.40 1.51
C LEU A 334 -10.30 4.68 0.19
N GLY A 335 -9.64 5.36 -0.74
CA GLY A 335 -10.32 5.81 -1.94
C GLY A 335 -10.97 7.16 -1.76
N LYS A 336 -11.51 7.68 -2.86
CA LYS A 336 -12.25 8.94 -2.83
C LYS A 336 -11.41 10.06 -2.23
N GLY A 337 -10.10 10.04 -2.50
CA GLY A 337 -9.22 11.11 -2.05
C GLY A 337 -8.95 11.11 -0.58
N ASP A 338 -9.31 10.03 0.13
CA ASP A 338 -9.20 9.96 1.59
C ASP A 338 -7.96 9.13 1.93
N PHE A 339 -6.96 9.77 2.52
CA PHE A 339 -5.73 9.10 2.96
C PHE A 339 -5.48 9.40 4.42
N ARG A 340 -5.11 8.36 5.18
CA ARG A 340 -4.86 8.55 6.61
C ARG A 340 -3.70 7.66 7.05
N ILE A 341 -3.10 8.06 8.16
CA ILE A 341 -2.14 7.25 8.90
C ILE A 341 -2.73 6.96 10.27
N LEU A 342 -2.63 5.70 10.70
CA LEU A 342 -2.88 5.31 12.08
C LEU A 342 -1.53 5.04 12.72
N MET A 343 -1.27 5.67 13.87
CA MET A 343 0.00 5.44 14.55
C MET A 343 -0.11 5.97 15.97
N CYS A 344 0.22 5.14 16.94
CA CYS A 344 0.25 5.59 18.34
C CYS A 344 1.63 6.20 18.63
N THR A 345 1.81 7.42 18.11
CA THR A 345 3.16 8.00 18.04
C THR A 345 3.66 8.42 19.42
N LYS A 346 4.86 7.97 19.76
CA LYS A 346 5.61 8.46 20.91
C LYS A 346 6.71 9.39 20.40
N VAL A 347 7.22 10.25 21.29
CA VAL A 347 8.23 11.25 20.87
C VAL A 347 9.59 10.56 21.02
N THR A 348 9.95 9.78 20.00
CA THR A 348 11.23 9.06 19.96
C THR A 348 11.76 9.08 18.53
N MET A 349 13.05 8.72 18.39
CA MET A 349 13.68 8.70 17.08
C MET A 349 13.10 7.59 16.20
N ASP A 350 12.85 6.41 16.78
CA ASP A 350 12.26 5.33 16.00
C ASP A 350 10.92 5.76 15.39
N ASP A 351 10.07 6.39 16.18
CA ASP A 351 8.76 6.79 15.64
C ASP A 351 8.89 7.95 14.67
N PHE A 352 9.93 8.76 14.77
CA PHE A 352 10.23 9.75 13.74
C PHE A 352 10.57 9.07 12.41
N LEU A 353 11.45 8.07 12.42
CA LEU A 353 11.72 7.38 11.16
C LEU A 353 10.49 6.63 10.65
N THR A 354 9.73 6.02 11.56
CA THR A 354 8.55 5.26 11.15
C THR A 354 7.53 6.17 10.48
N ALA A 355 7.41 7.41 10.97
CA ALA A 355 6.51 8.35 10.35
C ALA A 355 6.90 8.60 8.89
N HIS A 356 8.20 8.77 8.62
CA HIS A 356 8.67 8.94 7.26
C HIS A 356 8.41 7.70 6.41
N HIS A 357 8.64 6.52 6.96
CA HIS A 357 8.34 5.30 6.22
C HIS A 357 6.85 5.25 5.90
N GLU A 358 6.00 5.49 6.89
CA GLU A 358 4.58 5.33 6.65
C GLU A 358 4.07 6.41 5.71
N MET A 359 4.56 7.65 5.85
CA MET A 359 4.13 8.68 4.92
C MET A 359 4.62 8.40 3.50
N GLY A 360 5.73 7.66 3.35
CA GLY A 360 6.15 7.22 2.02
C GLY A 360 5.09 6.38 1.32
N HIS A 361 4.46 5.45 2.05
CA HIS A 361 3.34 4.70 1.49
C HIS A 361 2.24 5.62 0.98
N ILE A 362 1.82 6.57 1.82
CA ILE A 362 0.80 7.52 1.43
C ILE A 362 1.21 8.25 0.16
N GLN A 363 2.46 8.68 0.10
CA GLN A 363 2.97 9.31 -1.12
C GLN A 363 2.80 8.39 -2.33
N TYR A 364 3.11 7.11 -2.16
CA TYR A 364 2.85 6.13 -3.22
C TYR A 364 1.36 6.04 -3.54
N ASP A 365 0.52 6.01 -2.50
CA ASP A 365 -0.92 5.88 -2.73
C ASP A 365 -1.49 7.09 -3.45
N MET A 366 -1.08 8.30 -3.06
CA MET A 366 -1.63 9.48 -3.69
C MET A 366 -1.24 9.56 -5.16
N ALA A 367 -0.02 9.15 -5.49
CA ALA A 367 0.50 9.31 -6.84
C ALA A 367 -0.18 8.41 -7.85
N TYR A 368 -0.72 7.26 -7.43
CA TYR A 368 -1.40 6.40 -8.37
C TYR A 368 -2.91 6.42 -8.21
N ALA A 369 -3.47 7.38 -7.47
CA ALA A 369 -4.92 7.42 -7.31
C ALA A 369 -5.64 7.78 -8.60
N ALA A 370 -4.93 8.33 -9.59
CA ALA A 370 -5.52 8.57 -10.91
C ALA A 370 -5.60 7.33 -11.79
N GLN A 371 -4.92 6.23 -11.44
CA GLN A 371 -5.10 4.99 -12.18
C GLN A 371 -6.51 4.43 -11.90
N PRO A 372 -7.03 3.55 -12.77
CA PRO A 372 -8.29 2.87 -12.46
C PRO A 372 -8.14 1.96 -11.25
N PHE A 373 -9.27 1.72 -10.58
CA PHE A 373 -9.28 1.05 -9.28
C PHE A 373 -8.31 -0.12 -9.19
N LEU A 374 -8.37 -1.02 -10.16
CA LEU A 374 -7.66 -2.29 -10.07
C LEU A 374 -6.17 -2.17 -10.37
N LEU A 375 -5.72 -1.03 -10.86
CA LEU A 375 -4.29 -0.83 -11.05
C LEU A 375 -3.67 0.00 -9.92
N ARG A 376 -4.42 0.28 -8.86
CA ARG A 376 -3.90 1.07 -7.74
C ARG A 376 -3.15 0.18 -6.75
N ASN A 377 -1.91 -0.15 -7.09
CA ASN A 377 -1.05 -0.88 -6.17
C ASN A 377 0.41 -0.65 -6.54
N GLY A 378 1.29 -1.23 -5.72
CA GLY A 378 2.70 -1.23 -6.07
C GLY A 378 2.93 -2.06 -7.32
N ALA A 379 4.01 -1.74 -8.04
CA ALA A 379 4.22 -2.40 -9.33
C ALA A 379 4.34 -3.92 -9.18
N ASN A 380 4.93 -4.41 -8.09
CA ASN A 380 4.77 -5.80 -7.68
C ASN A 380 4.81 -5.82 -6.15
N GLU A 381 4.71 -7.01 -5.57
CA GLU A 381 4.55 -7.12 -4.12
C GLU A 381 5.73 -6.53 -3.33
N GLY A 382 6.89 -6.35 -3.94
CA GLY A 382 7.96 -5.76 -3.17
C GLY A 382 8.14 -4.25 -3.30
N PHE A 383 7.36 -3.55 -4.13
CA PHE A 383 7.65 -2.14 -4.41
C PHE A 383 7.26 -1.23 -3.24
N HIS A 384 6.05 -1.40 -2.71
CA HIS A 384 5.52 -0.51 -1.68
C HIS A 384 6.47 -0.43 -0.49
N GLU A 385 6.84 -1.59 0.05
CA GLU A 385 7.75 -1.61 1.20
C GLU A 385 9.08 -0.95 0.86
N ALA A 386 9.58 -1.17 -0.35
CA ALA A 386 10.86 -0.56 -0.73
C ALA A 386 10.77 0.96 -0.70
N VAL A 387 9.66 1.51 -1.20
CA VAL A 387 9.44 2.96 -1.14
C VAL A 387 9.44 3.44 0.31
N GLY A 388 8.71 2.74 1.19
CA GLY A 388 8.74 3.09 2.60
C GLY A 388 10.15 3.08 3.17
N GLU A 389 10.93 2.04 2.87
CA GLU A 389 12.23 1.88 3.50
C GLU A 389 13.20 3.00 3.13
N ILE A 390 13.26 3.38 1.85
CA ILE A 390 14.26 4.37 1.48
C ILE A 390 13.99 5.73 2.13
N MET A 391 12.75 6.01 2.56
CA MET A 391 12.46 7.26 3.24
C MET A 391 13.18 7.31 4.58
N SER A 392 13.13 6.21 5.34
CA SER A 392 13.81 6.20 6.63
C SER A 392 15.33 6.17 6.47
N LEU A 393 15.87 5.62 5.37
CA LEU A 393 17.31 5.69 5.17
C LEU A 393 17.78 7.15 5.16
N SER A 394 17.16 8.00 4.35
CA SER A 394 17.59 9.39 4.30
C SER A 394 17.31 10.10 5.62
N ALA A 395 16.13 9.88 6.20
CA ALA A 395 15.74 10.66 7.38
C ALA A 395 16.64 10.40 8.58
N ALA A 396 17.26 9.23 8.65
CA ALA A 396 18.10 8.91 9.80
C ALA A 396 19.55 9.37 9.68
N THR A 397 20.01 9.79 8.51
CA THR A 397 21.44 10.07 8.36
C THR A 397 21.84 11.27 9.22
N PRO A 398 23.09 11.30 9.68
CA PRO A 398 23.55 12.48 10.43
C PRO A 398 23.33 13.77 9.66
N LYS A 399 23.54 13.75 8.35
CA LYS A 399 23.36 14.96 7.56
C LYS A 399 21.94 15.48 7.69
N HIS A 400 20.95 14.59 7.55
CA HIS A 400 19.57 15.04 7.66
C HIS A 400 19.24 15.51 9.08
N LEU A 401 19.66 14.75 10.09
CA LEU A 401 19.38 15.12 11.48
C LEU A 401 20.02 16.44 11.86
N LYS A 402 21.28 16.66 11.48
CA LYS A 402 21.90 17.96 11.72
C LYS A 402 21.11 19.06 10.99
N SER A 403 20.66 18.75 9.77
CA SER A 403 19.98 19.74 8.96
C SER A 403 18.69 20.23 9.62
N ILE A 404 17.93 19.34 10.26
CA ILE A 404 16.68 19.77 10.90
C ILE A 404 16.88 20.18 12.36
N GLY A 405 18.13 20.24 12.81
CA GLY A 405 18.38 20.77 14.15
C GLY A 405 18.19 19.82 15.30
N LEU A 406 18.11 18.50 15.06
CA LEU A 406 18.01 17.52 16.13
C LEU A 406 19.36 16.98 16.56
N LEU A 407 20.40 17.24 15.79
CA LEU A 407 21.73 16.73 16.06
C LEU A 407 22.67 17.91 16.14
N SER A 408 23.53 17.92 17.14
CA SER A 408 24.45 19.03 17.25
C SER A 408 25.38 19.01 16.04
N PRO A 409 25.63 20.15 15.40
CA PRO A 409 26.71 20.19 14.40
C PRO A 409 28.01 19.64 14.95
N ASP A 410 28.28 19.81 16.24
CA ASP A 410 29.50 19.31 16.86
C ASP A 410 29.55 17.79 16.98
N PHE A 411 28.56 17.04 16.48
CA PHE A 411 28.65 15.58 16.54
C PHE A 411 29.66 15.10 15.50
N GLN A 412 30.56 14.24 15.93
CA GLN A 412 31.71 13.87 15.11
C GLN A 412 31.46 12.48 14.51
N GLU A 413 31.36 12.45 13.19
CA GLU A 413 31.26 11.20 12.44
C GLU A 413 32.65 10.75 12.06
N ASP A 414 32.96 9.47 12.30
CA ASP A 414 34.27 8.92 12.00
C ASP A 414 34.13 7.49 11.51
N ASN A 415 35.26 6.88 11.15
CA ASN A 415 35.32 5.47 10.80
C ASN A 415 34.38 4.64 11.66
N GLU A 416 34.44 4.85 12.98
CA GLU A 416 33.96 3.84 13.90
C GLU A 416 32.46 3.92 14.12
N THR A 417 31.90 5.13 14.21
CA THR A 417 30.44 5.23 14.31
C THR A 417 29.75 4.78 13.02
N GLU A 418 30.44 4.88 11.88
CA GLU A 418 29.90 4.35 10.64
C GLU A 418 29.94 2.83 10.62
N ILE A 419 31.05 2.24 11.10
CA ILE A 419 31.10 0.79 11.20
C ILE A 419 30.01 0.29 12.16
N ASN A 420 29.80 0.98 13.29
CA ASN A 420 28.75 0.55 14.22
C ASN A 420 27.39 0.60 13.54
N PHE A 421 27.09 1.72 12.90
CA PHE A 421 25.83 1.86 12.20
C PHE A 421 25.66 0.79 11.14
N LEU A 422 26.71 0.57 10.33
CA LEU A 422 26.58 -0.39 9.24
C LEU A 422 26.36 -1.79 9.78
N LEU A 423 27.07 -2.17 10.86
CA LEU A 423 26.84 -3.46 11.51
C LEU A 423 25.39 -3.61 11.99
N LYS A 424 24.86 -2.59 12.64
CA LYS A 424 23.47 -2.68 13.09
C LYS A 424 22.51 -2.80 11.91
N GLN A 425 22.73 -2.01 10.87
CA GLN A 425 21.96 -2.19 9.65
C GLN A 425 22.10 -3.62 9.14
N ALA A 426 23.33 -4.14 9.08
CA ALA A 426 23.51 -5.44 8.45
C ALA A 426 22.81 -6.55 9.24
N LEU A 427 22.83 -6.46 10.57
CA LEU A 427 22.13 -7.45 11.39
C LEU A 427 20.67 -7.56 11.01
N THR A 428 20.04 -6.44 10.65
CA THR A 428 18.64 -6.46 10.28
C THR A 428 18.47 -6.84 8.81
N ILE A 429 19.15 -6.11 7.92
CA ILE A 429 18.92 -6.25 6.49
C ILE A 429 19.63 -7.47 5.90
N VAL A 430 20.91 -7.67 6.22
CA VAL A 430 21.60 -8.78 5.58
C VAL A 430 21.33 -10.10 6.28
N GLY A 431 21.18 -10.09 7.61
CA GLY A 431 20.91 -11.31 8.32
C GLY A 431 19.61 -11.97 7.93
N THR A 432 18.63 -11.17 7.47
CA THR A 432 17.34 -11.75 7.11
C THR A 432 17.35 -12.36 5.72
N LEU A 433 18.35 -12.04 4.89
CA LEU A 433 18.32 -12.48 3.49
C LEU A 433 18.44 -13.99 3.36
N PRO A 434 19.40 -14.68 4.02
CA PRO A 434 19.38 -16.14 3.97
C PRO A 434 18.18 -16.73 4.68
N PHE A 435 17.72 -16.11 5.76
CA PHE A 435 16.51 -16.61 6.41
C PHE A 435 15.34 -16.59 5.43
N THR A 436 15.17 -15.48 4.73
CA THR A 436 14.03 -15.32 3.84
C THR A 436 14.12 -16.24 2.64
N TYR A 437 15.27 -16.24 1.94
CA TYR A 437 15.44 -17.16 0.82
C TYR A 437 15.23 -18.61 1.26
N MET A 438 15.92 -19.05 2.32
CA MET A 438 15.80 -20.45 2.74
C MET A 438 14.35 -20.84 3.02
N LEU A 439 13.61 -20.01 3.76
CA LEU A 439 12.23 -20.35 4.07
C LEU A 439 11.38 -20.49 2.82
N GLU A 440 11.53 -19.55 1.87
CA GLU A 440 10.68 -19.61 0.70
C GLU A 440 11.09 -20.76 -0.20
N LYS A 441 12.40 -21.04 -0.28
CA LYS A 441 12.84 -22.23 -1.03
C LYS A 441 12.20 -23.49 -0.48
N TRP A 442 12.14 -23.62 0.85
CA TRP A 442 11.49 -24.79 1.43
C TRP A 442 10.02 -24.89 1.01
N ARG A 443 9.27 -23.79 1.13
CA ARG A 443 7.86 -23.85 0.75
C ARG A 443 7.71 -24.18 -0.73
N TRP A 444 8.53 -23.54 -1.58
CA TRP A 444 8.49 -23.82 -3.01
C TRP A 444 8.70 -25.31 -3.27
N MET A 445 9.71 -25.90 -2.63
CA MET A 445 10.00 -27.31 -2.83
C MET A 445 8.87 -28.20 -2.30
N VAL A 446 8.27 -27.83 -1.17
CA VAL A 446 7.13 -28.58 -0.65
C VAL A 446 5.96 -28.53 -1.65
N PHE A 447 5.66 -27.34 -2.18
CA PHE A 447 4.55 -27.23 -3.13
C PHE A 447 4.85 -27.96 -4.43
N LYS A 448 6.11 -27.97 -4.86
CA LYS A 448 6.50 -28.70 -6.07
C LYS A 448 6.44 -30.21 -5.89
N GLY A 449 6.47 -30.70 -4.65
CA GLY A 449 6.55 -32.12 -4.41
C GLY A 449 7.96 -32.65 -4.22
N GLU A 450 8.96 -31.79 -4.15
CA GLU A 450 10.33 -32.28 -4.06
C GLU A 450 10.71 -32.74 -2.66
N ILE A 451 9.88 -32.47 -1.65
CA ILE A 451 10.15 -32.94 -0.28
C ILE A 451 8.95 -33.75 0.20
N PRO A 452 9.08 -35.08 0.29
CA PRO A 452 7.97 -35.89 0.82
C PRO A 452 7.62 -35.50 2.25
N LYS A 453 6.37 -35.79 2.65
CA LYS A 453 5.93 -35.47 4.01
C LYS A 453 6.90 -36.01 5.06
N ASP A 454 7.38 -37.26 4.91
CA ASP A 454 8.21 -37.78 6.00
C ASP A 454 9.60 -37.19 6.03
N GLN A 455 9.89 -36.14 5.27
CA GLN A 455 11.19 -35.49 5.32
C GLN A 455 11.07 -33.98 5.47
N TRP A 456 9.89 -33.47 5.80
CA TRP A 456 9.69 -32.03 5.91
C TRP A 456 10.67 -31.42 6.89
N MET A 457 10.61 -31.88 8.16
CA MET A 457 11.47 -31.28 9.16
C MET A 457 12.93 -31.69 8.97
N LYS A 458 13.17 -32.87 8.41
CA LYS A 458 14.54 -33.23 8.09
C LYS A 458 15.11 -32.27 7.06
N LYS A 459 14.35 -31.95 6.02
CA LYS A 459 14.89 -31.06 4.99
C LYS A 459 14.96 -29.62 5.48
N TRP A 460 14.02 -29.24 6.35
CA TRP A 460 14.03 -27.89 6.92
C TRP A 460 15.33 -27.63 7.68
N TRP A 461 15.76 -28.57 8.53
CA TRP A 461 16.97 -28.31 9.31
C TRP A 461 18.24 -28.56 8.51
N GLU A 462 18.22 -29.45 7.51
CA GLU A 462 19.37 -29.54 6.62
C GLU A 462 19.56 -28.21 5.90
N MET A 463 18.45 -27.60 5.46
CA MET A 463 18.56 -26.32 4.75
C MET A 463 18.86 -25.17 5.70
N LYS A 464 18.35 -25.20 6.92
CA LYS A 464 18.78 -24.22 7.92
C LYS A 464 20.28 -24.28 8.13
N ARG A 465 20.82 -25.48 8.39
CA ARG A 465 22.25 -25.59 8.64
C ARG A 465 23.06 -25.17 7.40
N GLU A 466 22.61 -25.59 6.22
CA GLU A 466 23.48 -25.48 5.05
C GLU A 466 23.47 -24.10 4.41
N ILE A 467 22.31 -23.45 4.36
CA ILE A 467 22.14 -22.14 3.74
C ILE A 467 22.21 -21.01 4.75
N VAL A 468 21.54 -21.16 5.88
CA VAL A 468 21.46 -20.09 6.85
C VAL A 468 22.59 -20.13 7.87
N GLY A 469 23.27 -21.28 8.00
CA GLY A 469 24.31 -21.42 9.00
C GLY A 469 23.76 -21.41 10.40
N VAL A 470 22.55 -21.92 10.58
CA VAL A 470 21.88 -21.96 11.88
C VAL A 470 21.50 -23.41 12.16
N VAL A 471 21.63 -23.84 13.43
CA VAL A 471 21.34 -25.22 13.79
C VAL A 471 20.34 -25.26 14.94
N GLU A 472 19.42 -26.22 14.86
CA GLU A 472 18.43 -26.41 15.90
C GLU A 472 19.11 -26.94 17.16
N PRO A 473 18.75 -26.44 18.34
CA PRO A 473 19.38 -26.91 19.58
C PRO A 473 18.82 -28.23 20.10
N VAL A 474 17.76 -28.77 19.50
CA VAL A 474 17.05 -29.99 19.93
C VAL A 474 16.57 -30.74 18.69
N PRO A 475 16.79 -32.04 18.57
CA PRO A 475 16.35 -32.73 17.34
C PRO A 475 14.84 -32.72 17.21
N HIS A 476 14.35 -32.51 15.99
CA HIS A 476 12.91 -32.42 15.75
C HIS A 476 12.48 -33.50 14.76
N ASP A 477 11.52 -34.33 15.14
CA ASP A 477 11.02 -35.33 14.22
C ASP A 477 9.87 -34.72 13.40
N GLU A 478 9.15 -35.55 12.66
CA GLU A 478 8.09 -35.06 11.79
C GLU A 478 6.77 -34.82 12.51
N THR A 479 6.69 -34.95 13.84
CA THR A 479 5.50 -34.41 14.51
C THR A 479 5.57 -32.90 14.63
N TYR A 480 6.72 -32.31 14.37
CA TYR A 480 6.91 -30.87 14.39
C TYR A 480 6.50 -30.25 13.05
N CYS A 481 6.14 -28.96 13.09
CA CYS A 481 6.04 -28.18 11.85
C CYS A 481 6.63 -26.80 12.13
N ASP A 482 7.98 -26.72 12.14
CA ASP A 482 8.65 -25.49 12.59
C ASP A 482 8.40 -24.30 11.66
N PRO A 483 8.40 -24.44 10.32
CA PRO A 483 8.06 -23.25 9.51
C PRO A 483 6.72 -22.63 9.90
N ALA A 484 5.73 -23.46 10.24
CA ALA A 484 4.43 -22.92 10.56
C ALA A 484 4.41 -22.19 11.87
N SER A 485 5.48 -22.30 12.66
CA SER A 485 5.54 -21.52 13.90
C SER A 485 5.87 -20.06 13.64
N LEU A 486 6.09 -19.68 12.37
CA LEU A 486 6.25 -18.28 11.97
C LEU A 486 4.96 -17.79 11.36
N PHE A 487 4.56 -16.57 11.74
CA PHE A 487 3.31 -15.95 11.29
C PHE A 487 3.01 -16.16 9.81
N HIS A 488 3.93 -15.76 8.93
CA HIS A 488 3.61 -15.77 7.49
C HIS A 488 3.32 -17.15 6.95
N VAL A 489 3.89 -18.18 7.56
CA VAL A 489 3.68 -19.52 7.06
C VAL A 489 2.30 -20.02 7.50
N SER A 490 1.95 -19.85 8.76
CA SER A 490 0.62 -20.31 9.17
C SER A 490 -0.49 -19.33 8.81
N ASN A 491 -0.18 -18.08 8.45
CA ASN A 491 -1.22 -17.18 8.00
C ASN A 491 -1.24 -17.02 6.49
N ASP A 492 -0.60 -17.93 5.75
CA ASP A 492 -0.81 -18.07 4.30
C ASP A 492 -0.39 -16.80 3.53
N TYR A 493 0.81 -16.30 3.81
CA TYR A 493 1.37 -15.14 3.11
C TYR A 493 2.67 -15.51 2.40
N SER A 494 2.82 -15.06 1.16
CA SER A 494 4.08 -15.24 0.46
C SER A 494 5.20 -14.47 1.19
N PHE A 495 6.44 -14.96 1.04
CA PHE A 495 7.54 -14.43 1.83
C PHE A 495 8.70 -13.89 1.01
N ILE A 496 8.89 -14.37 -0.22
CA ILE A 496 9.97 -13.83 -1.04
C ILE A 496 9.88 -12.31 -1.20
N ARG A 497 8.72 -11.70 -0.91
CA ARG A 497 8.58 -10.25 -1.01
C ARG A 497 9.58 -9.49 -0.15
N TYR A 498 10.00 -10.06 0.98
CA TYR A 498 11.01 -9.42 1.81
C TYR A 498 12.39 -9.50 1.19
N TYR A 499 12.63 -10.47 0.33
CA TYR A 499 13.92 -10.54 -0.33
C TYR A 499 13.96 -9.51 -1.47
N THR A 500 12.97 -9.55 -2.36
CA THR A 500 12.97 -8.61 -3.48
C THR A 500 12.87 -7.17 -3.00
N ARG A 501 12.08 -6.91 -1.94
CA ARG A 501 12.03 -5.55 -1.41
C ARG A 501 13.43 -5.06 -1.07
N THR A 502 14.21 -5.89 -0.39
CA THR A 502 15.51 -5.44 0.10
C THR A 502 16.43 -5.07 -1.04
N LEU A 503 16.41 -5.84 -2.12
CA LEU A 503 17.22 -5.49 -3.29
C LEU A 503 16.68 -4.25 -3.98
N TYR A 504 15.35 -4.11 -4.10
CA TYR A 504 14.80 -2.93 -4.75
C TYR A 504 15.17 -1.67 -3.99
N GLN A 505 15.20 -1.73 -2.66
CA GLN A 505 15.34 -0.47 -1.93
C GLN A 505 16.72 0.11 -2.11
N PHE A 506 17.75 -0.72 -2.27
CA PHE A 506 19.07 -0.15 -2.47
C PHE A 506 19.25 0.24 -3.93
N GLN A 507 18.59 -0.45 -4.85
CA GLN A 507 18.58 0.01 -6.23
C GLN A 507 17.95 1.39 -6.33
N PHE A 508 16.80 1.59 -5.68
CA PHE A 508 16.15 2.90 -5.65
C PHE A 508 17.04 3.94 -4.98
N GLN A 509 17.52 3.64 -3.78
CA GLN A 509 18.36 4.60 -3.07
C GLN A 509 19.62 4.97 -3.87
N GLU A 510 20.26 4.01 -4.50
CA GLU A 510 21.43 4.35 -5.32
C GLU A 510 21.04 5.27 -6.49
N ALA A 511 19.91 4.97 -7.14
CA ALA A 511 19.49 5.79 -8.28
C ALA A 511 19.17 7.22 -7.84
N LEU A 512 18.39 7.35 -6.75
CA LEU A 512 17.97 8.66 -6.28
C LEU A 512 19.15 9.48 -5.78
N CYS A 513 20.10 8.84 -5.10
CA CYS A 513 21.24 9.56 -4.59
C CYS A 513 22.16 10.02 -5.70
N GLN A 514 22.24 9.25 -6.79
CA GLN A 514 22.93 9.73 -7.97
C GLN A 514 22.21 10.93 -8.56
N ALA A 515 20.88 10.85 -8.68
CA ALA A 515 20.12 11.99 -9.18
C ALA A 515 20.31 13.20 -8.27
N ALA A 516 20.50 12.98 -6.98
CA ALA A 516 20.71 14.03 -5.99
C ALA A 516 22.16 14.47 -5.91
N LYS A 517 23.04 13.92 -6.74
CA LYS A 517 24.45 14.33 -6.81
C LYS A 517 25.15 14.17 -5.46
N HIS A 518 24.83 13.09 -4.77
CA HIS A 518 25.39 12.85 -3.46
C HIS A 518 26.86 12.45 -3.54
N GLU A 519 27.66 13.02 -2.64
CA GLU A 519 29.10 12.77 -2.60
C GLU A 519 29.47 11.83 -1.46
N GLY A 520 30.23 10.78 -1.76
CA GLY A 520 30.72 9.89 -0.72
C GLY A 520 29.94 8.60 -0.62
N PRO A 521 30.20 7.85 0.45
CA PRO A 521 29.60 6.52 0.58
C PRO A 521 28.09 6.60 0.53
N LEU A 522 27.47 5.57 -0.07
CA LEU A 522 26.04 5.56 -0.29
C LEU A 522 25.25 5.64 1.02
N HIS A 523 25.75 5.06 2.11
CA HIS A 523 24.94 5.04 3.33
C HIS A 523 24.82 6.40 4.01
N LYS A 524 25.56 7.41 3.58
CA LYS A 524 25.47 8.73 4.20
C LYS A 524 24.50 9.64 3.46
N CYS A 525 23.80 9.11 2.47
CA CYS A 525 23.03 9.92 1.52
C CYS A 525 21.69 10.36 2.08
N ASP A 526 21.38 11.64 1.86
CA ASP A 526 20.07 12.23 2.16
C ASP A 526 19.54 12.86 0.88
N ILE A 527 18.37 12.42 0.42
CA ILE A 527 17.86 12.96 -0.84
C ILE A 527 17.05 14.23 -0.64
N SER A 528 16.96 14.75 0.60
CA SER A 528 16.24 15.99 0.85
C SER A 528 16.69 17.09 -0.10
N ASN A 529 15.73 17.93 -0.49
CA ASN A 529 15.92 19.12 -1.31
C ASN A 529 16.27 18.81 -2.76
N SER A 530 16.27 17.53 -3.18
CA SER A 530 16.53 17.15 -4.57
C SER A 530 15.22 16.96 -5.31
N THR A 531 14.82 17.98 -6.09
CA THR A 531 13.63 17.81 -6.92
C THR A 531 13.88 16.85 -8.07
N GLU A 532 15.14 16.67 -8.49
CA GLU A 532 15.42 15.65 -9.51
C GLU A 532 15.20 14.24 -8.96
N ALA A 533 15.64 13.98 -7.73
CA ALA A 533 15.34 12.68 -7.13
C ALA A 533 13.85 12.46 -6.98
N GLY A 534 13.13 13.48 -6.49
CA GLY A 534 11.70 13.34 -6.28
C GLY A 534 10.96 13.07 -7.57
N GLN A 535 11.35 13.73 -8.65
CA GLN A 535 10.70 13.51 -9.94
C GLN A 535 10.96 12.10 -10.45
N LYS A 536 12.22 11.66 -10.35
CA LYS A 536 12.56 10.35 -10.87
C LYS A 536 11.74 9.28 -10.16
N LEU A 537 11.61 9.42 -8.85
CA LEU A 537 10.77 8.49 -8.09
C LEU A 537 9.32 8.61 -8.52
N PHE A 538 8.82 9.84 -8.70
CA PHE A 538 7.41 10.03 -8.97
C PHE A 538 7.01 9.37 -10.28
N ASN A 539 7.91 9.39 -11.27
CA ASN A 539 7.59 8.76 -12.55
C ASN A 539 7.33 7.27 -12.40
N MET A 540 7.85 6.64 -11.34
CA MET A 540 7.47 5.26 -11.09
C MET A 540 6.26 5.18 -10.16
N LEU A 541 6.17 6.07 -9.17
CA LEU A 541 5.04 6.00 -8.24
C LEU A 541 3.71 6.12 -8.97
N ARG A 542 3.61 7.05 -9.92
CA ARG A 542 2.31 7.28 -10.54
C ARG A 542 1.85 6.11 -11.40
N LEU A 543 2.76 5.19 -11.77
CA LEU A 543 2.37 4.07 -12.62
C LEU A 543 1.42 3.11 -11.91
N GLY A 544 1.50 3.03 -10.59
CA GLY A 544 0.79 1.97 -9.91
C GLY A 544 1.24 0.63 -10.48
N LYS A 545 0.28 -0.18 -10.91
CA LYS A 545 0.60 -1.40 -11.62
C LYS A 545 -0.01 -1.39 -13.02
N SER A 546 -0.04 -0.22 -13.65
CA SER A 546 -0.43 -0.14 -15.05
C SER A 546 0.67 -0.61 -15.99
N GLU A 547 1.91 -0.63 -15.54
CA GLU A 547 3.02 -1.06 -16.38
C GLU A 547 3.68 -2.30 -15.79
N PRO A 548 4.38 -3.08 -16.61
CA PRO A 548 5.19 -4.18 -16.06
C PRO A 548 6.14 -3.67 -14.99
N TRP A 549 6.29 -4.44 -13.92
CA TRP A 549 7.19 -4.00 -12.84
C TRP A 549 8.62 -3.80 -13.37
N THR A 550 9.03 -4.57 -14.38
CA THR A 550 10.35 -4.39 -14.96
C THR A 550 10.50 -2.99 -15.56
N LEU A 551 9.47 -2.51 -16.25
CA LEU A 551 9.51 -1.14 -16.75
C LEU A 551 9.54 -0.16 -15.59
N ALA A 552 8.62 -0.33 -14.63
CA ALA A 552 8.58 0.59 -13.49
C ALA A 552 9.96 0.73 -12.86
N LEU A 553 10.67 -0.39 -12.72
CA LEU A 553 12.00 -0.36 -12.14
C LEU A 553 12.97 0.42 -13.02
N GLU A 554 12.92 0.15 -14.34
CA GLU A 554 13.76 0.89 -15.29
C GLU A 554 13.57 2.40 -15.16
N ASN A 555 12.33 2.83 -14.94
CA ASN A 555 12.08 4.26 -14.79
C ASN A 555 12.94 4.88 -13.69
N VAL A 556 13.01 4.24 -12.53
CA VAL A 556 13.84 4.78 -11.45
C VAL A 556 15.34 4.53 -11.70
N VAL A 557 15.73 3.32 -12.08
CA VAL A 557 17.13 2.91 -11.95
C VAL A 557 17.81 2.60 -13.28
N GLY A 558 17.10 2.71 -14.41
CA GLY A 558 17.70 2.44 -15.71
C GLY A 558 18.08 1.00 -16.00
N ALA A 559 17.58 0.04 -15.23
CA ALA A 559 17.81 -1.37 -15.46
C ALA A 559 16.49 -2.10 -15.27
N LYS A 560 16.31 -3.22 -15.97
CA LYS A 560 15.02 -3.90 -16.03
C LYS A 560 14.88 -5.03 -15.02
N ASN A 561 15.89 -5.27 -14.19
CA ASN A 561 15.84 -6.44 -13.34
C ASN A 561 16.37 -6.12 -11.96
N MET A 562 16.01 -6.97 -11.02
CA MET A 562 16.56 -6.97 -9.68
C MET A 562 18.08 -7.13 -9.72
N ASN A 563 18.78 -6.42 -8.84
CA ASN A 563 20.24 -6.37 -8.92
C ASN A 563 20.81 -6.28 -7.52
N VAL A 564 21.84 -7.08 -7.21
CA VAL A 564 22.39 -7.00 -5.86
C VAL A 564 23.44 -5.94 -5.70
N ARG A 565 24.07 -5.48 -6.78
CA ARG A 565 25.22 -4.60 -6.65
C ARG A 565 24.91 -3.40 -5.75
N PRO A 566 23.76 -2.73 -5.83
CA PRO A 566 23.55 -1.59 -4.93
C PRO A 566 23.56 -1.99 -3.47
N LEU A 567 23.00 -3.15 -3.12
CA LEU A 567 23.07 -3.60 -1.73
C LEU A 567 24.52 -3.78 -1.31
N LEU A 568 25.32 -4.43 -2.15
CA LEU A 568 26.72 -4.62 -1.79
C LEU A 568 27.43 -3.29 -1.74
N ASN A 569 27.08 -2.37 -2.64
CA ASN A 569 27.66 -1.04 -2.57
C ASN A 569 27.37 -0.39 -1.23
N TYR A 570 26.12 -0.49 -0.76
CA TYR A 570 25.75 0.11 0.52
C TYR A 570 26.62 -0.44 1.66
N PHE A 571 26.90 -1.74 1.66
CA PHE A 571 27.58 -2.37 2.78
C PHE A 571 29.09 -2.54 2.55
N GLU A 572 29.64 -2.00 1.46
CA GLU A 572 31.05 -2.24 1.20
C GLU A 572 31.97 -1.79 2.35
N PRO A 573 31.79 -0.62 2.97
CA PRO A 573 32.72 -0.29 4.08
C PRO A 573 32.71 -1.32 5.20
N LEU A 574 31.53 -1.88 5.52
CA LEU A 574 31.46 -2.92 6.54
C LEU A 574 32.12 -4.21 6.06
N PHE A 575 31.87 -4.58 4.80
CA PHE A 575 32.44 -5.79 4.25
C PHE A 575 33.95 -5.80 4.35
N THR A 576 34.60 -4.71 3.95
CA THR A 576 36.05 -4.73 4.06
C THR A 576 36.48 -4.72 5.51
N TRP A 577 35.71 -4.07 6.40
CA TRP A 577 36.04 -4.14 7.82
C TRP A 577 35.89 -5.55 8.35
N LEU A 578 34.77 -6.22 8.03
CA LEU A 578 34.57 -7.59 8.49
C LEU A 578 35.66 -8.51 7.97
N LYS A 579 36.04 -8.35 6.70
CA LYS A 579 37.07 -9.21 6.13
C LYS A 579 38.37 -9.08 6.89
N ASP A 580 38.66 -7.89 7.41
CA ASP A 580 39.89 -7.71 8.17
C ASP A 580 39.74 -8.21 9.61
N GLN A 581 38.57 -8.01 10.23
CA GLN A 581 38.32 -8.56 11.56
C GLN A 581 38.40 -10.08 11.57
N ASN A 582 37.91 -10.72 10.52
CA ASN A 582 37.83 -12.17 10.47
C ASN A 582 39.16 -12.83 10.11
N LYS A 583 40.24 -12.07 9.89
CA LYS A 583 41.48 -12.68 9.43
C LYS A 583 42.02 -13.72 10.42
N ASN A 584 41.68 -13.63 11.70
CA ASN A 584 42.04 -14.63 12.70
C ASN A 584 40.97 -15.68 12.94
N SER A 585 39.83 -15.61 12.26
CA SER A 585 38.72 -16.51 12.51
C SER A 585 38.51 -17.46 11.34
N PHE A 586 37.78 -18.53 11.63
CA PHE A 586 37.29 -19.41 10.57
C PHE A 586 36.00 -18.82 9.97
N VAL A 587 35.92 -18.81 8.64
CA VAL A 587 34.81 -18.20 7.92
C VAL A 587 34.04 -19.31 7.23
N GLY A 588 32.77 -19.43 7.56
CA GLY A 588 31.98 -20.54 7.08
C GLY A 588 31.61 -21.44 8.23
N TRP A 589 30.87 -22.48 7.90
CA TRP A 589 30.34 -23.32 8.96
C TRP A 589 30.33 -24.78 8.53
N SER A 590 30.52 -25.65 9.50
CA SER A 590 30.32 -27.07 9.28
C SER A 590 28.90 -27.40 9.72
N THR A 591 28.21 -28.23 8.93
CA THR A 591 26.82 -28.55 9.25
C THR A 591 26.65 -29.68 10.25
N ASP A 592 27.69 -30.41 10.64
CA ASP A 592 27.45 -31.60 11.45
C ASP A 592 27.53 -31.37 12.96
N TRP A 593 28.16 -30.28 13.43
CA TRP A 593 28.02 -29.88 14.83
C TRP A 593 26.58 -29.49 15.20
N SER A 594 26.16 -29.87 16.39
CA SER A 594 24.90 -29.38 16.95
C SER A 594 25.00 -29.29 18.48
N PRO A 595 24.20 -28.46 19.11
CA PRO A 595 24.25 -28.37 20.58
C PRO A 595 23.95 -29.66 21.31
N TYR A 596 23.17 -30.56 20.71
CA TYR A 596 22.76 -31.78 21.39
C TYR A 596 23.56 -33.01 20.97
N ALA A 597 24.44 -32.90 19.98
CA ALA A 597 25.26 -34.03 19.54
C ALA A 597 26.56 -33.99 20.34
N ASP A 598 26.65 -34.84 21.37
CA ASP A 598 27.84 -34.92 22.23
C ASP A 598 28.36 -36.36 22.29
N THR B 1 -38.57 46.76 -13.09
CA THR B 1 -37.35 47.08 -12.35
C THR B 1 -37.18 46.23 -11.10
N ASN B 2 -37.86 45.09 -11.06
CA ASN B 2 -37.73 44.19 -9.94
C ASN B 2 -36.33 43.56 -9.94
N LEU B 3 -35.92 43.07 -8.78
CA LEU B 3 -34.60 42.45 -8.69
C LEU B 3 -34.64 41.01 -9.20
N CYS B 4 -33.55 40.61 -9.86
CA CYS B 4 -33.51 39.30 -10.52
C CYS B 4 -33.38 38.18 -9.50
N PRO B 5 -34.29 37.21 -9.47
CA PRO B 5 -34.28 36.19 -8.41
C PRO B 5 -33.12 35.22 -8.51
N PHE B 6 -31.89 35.71 -8.32
CA PHE B 6 -30.76 34.80 -8.25
C PHE B 6 -30.65 34.11 -6.89
N ASP B 7 -31.22 34.71 -5.84
CA ASP B 7 -31.12 34.11 -4.52
C ASP B 7 -31.76 32.73 -4.47
N GLU B 8 -32.93 32.57 -5.10
CA GLU B 8 -33.58 31.27 -5.09
C GLU B 8 -32.88 30.24 -5.97
N VAL B 9 -31.94 30.66 -6.81
CA VAL B 9 -31.12 29.73 -7.58
C VAL B 9 -29.88 29.31 -6.78
N PHE B 10 -29.12 30.29 -6.30
CA PHE B 10 -27.87 29.98 -5.60
C PHE B 10 -28.10 29.48 -4.18
N ASN B 11 -29.08 30.05 -3.46
CA ASN B 11 -29.30 29.70 -2.05
C ASN B 11 -30.34 28.58 -1.89
N ALA B 12 -30.73 27.92 -2.98
CA ALA B 12 -31.70 26.82 -2.94
C ALA B 12 -31.20 25.67 -2.07
N THR B 13 -32.13 25.06 -1.33
CA THR B 13 -31.76 24.03 -0.33
C THR B 13 -31.23 22.77 -1.00
N ARG B 14 -31.80 22.40 -2.15
CA ARG B 14 -31.42 21.19 -2.87
C ARG B 14 -31.25 21.50 -4.35
N PHE B 15 -30.09 21.16 -4.90
CA PHE B 15 -29.86 21.30 -6.33
C PHE B 15 -30.35 20.06 -7.09
N ALA B 16 -30.41 20.17 -8.42
CA ALA B 16 -30.71 19.03 -9.27
C ALA B 16 -29.52 18.10 -9.37
N SER B 17 -29.79 16.83 -9.72
CA SER B 17 -28.71 15.98 -10.21
C SER B 17 -28.30 16.46 -11.59
N VAL B 18 -27.02 16.32 -11.92
CA VAL B 18 -26.53 16.92 -13.16
C VAL B 18 -27.17 16.27 -14.38
N TYR B 19 -27.50 14.98 -14.32
CA TYR B 19 -28.19 14.36 -15.45
C TYR B 19 -29.55 15.00 -15.68
N ALA B 20 -30.17 15.49 -14.61
CA ALA B 20 -31.49 16.11 -14.69
C ALA B 20 -31.37 17.57 -14.29
N TRP B 21 -30.39 18.27 -14.87
CA TRP B 21 -30.04 19.62 -14.43
C TRP B 21 -31.23 20.56 -14.54
N ASN B 22 -31.23 21.55 -13.65
CA ASN B 22 -32.32 22.51 -13.55
C ASN B 22 -31.96 23.77 -14.34
N ARG B 23 -32.95 24.32 -15.04
CA ARG B 23 -32.79 25.58 -15.76
C ARG B 23 -33.83 26.55 -15.28
N LYS B 24 -33.40 27.71 -14.80
CA LYS B 24 -34.33 28.79 -14.47
C LYS B 24 -34.19 29.90 -15.50
N ARG B 25 -35.30 30.28 -16.10
CA ARG B 25 -35.30 31.35 -17.09
C ARG B 25 -35.53 32.69 -16.40
N ILE B 26 -34.66 33.65 -16.68
CA ILE B 26 -34.73 34.98 -16.08
C ILE B 26 -35.34 35.97 -17.08
N SER B 27 -36.18 36.88 -16.60
CA SER B 27 -36.78 37.91 -17.46
C SER B 27 -37.25 39.09 -16.60
N ASN B 28 -37.36 40.25 -17.26
CA ASN B 28 -38.01 41.46 -16.73
C ASN B 28 -37.50 41.85 -15.34
N CYS B 29 -36.19 41.94 -15.19
CA CYS B 29 -35.62 42.31 -13.90
C CYS B 29 -34.26 42.94 -14.10
N VAL B 30 -33.75 43.55 -13.03
CA VAL B 30 -32.44 44.18 -13.01
C VAL B 30 -31.54 43.35 -12.11
N ALA B 31 -30.41 42.91 -12.65
CA ALA B 31 -29.45 42.08 -11.96
C ALA B 31 -28.20 42.90 -11.68
N ASP B 32 -27.74 42.87 -10.43
CA ASP B 32 -26.46 43.49 -10.06
C ASP B 32 -25.44 42.37 -10.05
N TYR B 33 -24.74 42.20 -11.18
CA TYR B 33 -23.77 41.12 -11.32
C TYR B 33 -22.49 41.38 -10.53
N SER B 34 -22.24 42.63 -10.12
CA SER B 34 -21.13 42.89 -9.24
C SER B 34 -21.37 42.38 -7.82
N VAL B 35 -22.50 41.73 -7.56
CA VAL B 35 -22.70 41.06 -6.27
C VAL B 35 -21.68 39.94 -6.10
N LEU B 36 -21.17 39.40 -7.22
CA LEU B 36 -20.00 38.53 -7.18
C LEU B 36 -18.76 39.40 -7.08
N TYR B 37 -17.57 38.84 -7.35
CA TYR B 37 -16.30 39.43 -6.92
C TYR B 37 -16.19 39.46 -5.40
N ASN B 38 -17.01 38.64 -4.74
CA ASN B 38 -17.14 38.63 -3.29
C ASN B 38 -17.28 37.18 -2.85
N LEU B 39 -17.34 36.99 -1.53
CA LEU B 39 -17.44 35.66 -0.91
C LEU B 39 -16.34 34.74 -1.46
N ALA B 40 -15.09 35.20 -1.28
CA ALA B 40 -13.94 34.54 -1.91
C ALA B 40 -13.77 33.07 -1.55
N PRO B 41 -13.92 32.61 -0.27
CA PRO B 41 -13.71 31.18 0.02
C PRO B 41 -14.66 30.26 -0.75
N PHE B 42 -14.04 29.44 -1.60
CA PHE B 42 -14.58 28.33 -2.38
C PHE B 42 -15.57 28.74 -3.48
N PHE B 43 -15.91 30.03 -3.60
CA PHE B 43 -16.58 30.52 -4.82
C PHE B 43 -15.53 30.78 -5.88
N THR B 44 -15.63 30.10 -7.01
CA THR B 44 -14.78 30.30 -8.17
C THR B 44 -15.66 30.69 -9.35
N PHE B 45 -15.19 31.60 -10.17
CA PHE B 45 -15.96 32.09 -11.31
C PHE B 45 -15.04 32.20 -12.51
N LYS B 46 -15.59 31.93 -13.68
CA LYS B 46 -14.84 31.93 -14.93
C LYS B 46 -15.83 32.39 -15.99
N CYS B 47 -15.61 33.56 -16.57
CA CYS B 47 -16.52 34.02 -17.60
C CYS B 47 -15.88 33.88 -18.96
N TYR B 48 -16.72 33.61 -19.96
CA TYR B 48 -16.31 33.45 -21.35
C TYR B 48 -17.03 34.50 -22.16
N GLY B 49 -16.30 35.50 -22.64
CA GLY B 49 -16.92 36.41 -23.58
C GLY B 49 -16.91 37.89 -23.22
N VAL B 50 -17.20 38.24 -21.98
CA VAL B 50 -17.21 39.64 -21.57
C VAL B 50 -17.07 39.72 -20.07
N SER B 51 -16.36 40.76 -19.60
CA SER B 51 -16.03 40.85 -18.19
C SER B 51 -17.27 41.04 -17.33
N PRO B 52 -17.28 40.47 -16.11
CA PRO B 52 -18.40 40.74 -15.19
C PRO B 52 -18.61 42.21 -14.90
N THR B 53 -17.52 42.97 -14.70
CA THR B 53 -17.66 44.42 -14.47
C THR B 53 -18.29 45.10 -15.67
N LYS B 54 -18.05 44.57 -16.87
CA LYS B 54 -18.49 45.25 -18.07
C LYS B 54 -19.93 44.91 -18.42
N LEU B 55 -20.40 43.72 -18.09
CA LEU B 55 -21.79 43.38 -18.41
C LEU B 55 -22.80 43.95 -17.40
N ASN B 56 -22.36 44.45 -16.25
CA ASN B 56 -23.27 45.10 -15.31
C ASN B 56 -23.86 46.38 -15.89
N ASP B 57 -23.30 46.86 -17.01
CA ASP B 57 -23.85 47.98 -17.76
C ASP B 57 -24.29 47.51 -19.15
N LEU B 58 -24.97 46.36 -19.20
CA LEU B 58 -25.36 45.69 -20.44
C LEU B 58 -26.75 45.07 -20.27
N CYS B 59 -27.47 44.90 -21.40
CA CYS B 59 -28.84 44.39 -21.40
C CYS B 59 -29.00 43.21 -22.36
N PHE B 60 -29.72 42.17 -21.91
CA PHE B 60 -30.01 40.97 -22.70
C PHE B 60 -31.49 40.68 -22.66
N THR B 61 -31.96 39.85 -23.61
CA THR B 61 -33.38 39.57 -23.67
C THR B 61 -33.77 38.44 -22.71
N ASN B 62 -32.99 37.36 -22.70
CA ASN B 62 -33.21 36.24 -21.79
C ASN B 62 -31.91 35.85 -21.13
N VAL B 63 -31.98 35.50 -19.85
CA VAL B 63 -30.88 34.84 -19.16
C VAL B 63 -31.40 33.51 -18.64
N TYR B 64 -30.56 32.46 -18.74
CA TYR B 64 -30.86 31.12 -18.25
C TYR B 64 -29.89 30.77 -17.14
N ALA B 65 -30.38 30.17 -16.06
CA ALA B 65 -29.56 29.75 -14.93
C ALA B 65 -29.67 28.23 -14.76
N ASP B 66 -28.62 27.52 -15.11
CA ASP B 66 -28.57 26.07 -15.01
C ASP B 66 -27.78 25.70 -13.75
N SER B 67 -28.37 24.87 -12.90
CA SER B 67 -27.71 24.47 -11.66
C SER B 67 -27.77 22.95 -11.48
N PHE B 68 -26.75 22.42 -10.83
CA PHE B 68 -26.62 20.98 -10.58
C PHE B 68 -25.46 20.77 -9.63
N VAL B 69 -25.21 19.50 -9.28
CA VAL B 69 -24.13 19.13 -8.36
C VAL B 69 -23.27 18.07 -9.03
N ILE B 70 -21.95 18.24 -8.91
CA ILE B 70 -20.98 17.27 -9.42
C ILE B 70 -19.81 17.22 -8.44
N ARG B 71 -18.89 16.27 -8.68
CA ARG B 71 -17.64 16.18 -7.95
C ARG B 71 -16.73 17.36 -8.28
N GLY B 72 -15.86 17.70 -7.33
CA GLY B 72 -14.89 18.77 -7.60
C GLY B 72 -14.00 18.47 -8.79
N ASP B 73 -13.47 17.24 -8.85
CA ASP B 73 -12.72 16.72 -10.00
C ASP B 73 -13.37 17.03 -11.34
N GLU B 74 -14.70 17.17 -11.40
CA GLU B 74 -15.41 17.24 -12.65
C GLU B 74 -15.81 18.66 -13.04
N VAL B 75 -15.62 19.65 -12.15
CA VAL B 75 -16.00 21.02 -12.45
C VAL B 75 -15.30 21.51 -13.70
N ARG B 76 -14.06 21.04 -13.94
CA ARG B 76 -13.30 21.43 -15.13
C ARG B 76 -14.00 21.05 -16.42
N GLN B 77 -14.93 20.10 -16.38
CA GLN B 77 -15.70 19.73 -17.56
C GLN B 77 -16.83 20.70 -17.87
N ILE B 78 -17.19 21.58 -16.94
CA ILE B 78 -18.29 22.55 -17.19
C ILE B 78 -17.61 23.76 -17.82
N ALA B 79 -17.28 23.61 -19.11
CA ALA B 79 -16.39 24.51 -19.83
C ALA B 79 -16.42 24.12 -21.30
N PRO B 80 -16.29 25.06 -22.23
CA PRO B 80 -16.42 24.71 -23.65
C PRO B 80 -15.21 23.92 -24.12
N GLY B 81 -15.47 22.98 -25.01
CA GLY B 81 -14.45 22.09 -25.52
C GLY B 81 -13.86 21.11 -24.53
N GLN B 82 -14.68 20.54 -23.65
CA GLN B 82 -14.20 19.53 -22.71
C GLN B 82 -14.91 18.20 -22.96
N THR B 83 -14.27 17.12 -22.50
CA THR B 83 -14.82 15.78 -22.62
C THR B 83 -14.82 15.10 -21.25
N GLY B 84 -15.48 13.96 -21.17
CA GLY B 84 -15.67 13.23 -19.92
C GLY B 84 -17.13 12.86 -19.71
N ASN B 85 -17.34 12.03 -18.68
CA ASN B 85 -18.69 11.57 -18.37
C ASN B 85 -19.66 12.76 -18.27
N ILE B 86 -19.24 13.84 -17.60
CA ILE B 86 -20.16 14.95 -17.39
C ILE B 86 -20.41 15.69 -18.69
N ALA B 87 -19.34 16.11 -19.38
CA ALA B 87 -19.50 16.90 -20.59
C ALA B 87 -20.09 16.08 -21.73
N ASP B 88 -19.81 14.77 -21.78
CA ASP B 88 -20.35 13.93 -22.83
C ASP B 88 -21.81 13.57 -22.57
N TYR B 89 -22.13 13.17 -21.34
CA TYR B 89 -23.39 12.48 -21.07
C TYR B 89 -24.38 13.25 -20.19
N ASN B 90 -23.96 14.32 -19.50
CA ASN B 90 -24.87 14.99 -18.58
C ASN B 90 -25.12 16.45 -18.91
N TYR B 91 -24.08 17.29 -19.01
CA TYR B 91 -24.27 18.71 -19.28
C TYR B 91 -23.14 19.18 -20.18
N LYS B 92 -23.49 19.64 -21.39
CA LYS B 92 -22.53 20.00 -22.40
C LYS B 92 -22.69 21.47 -22.75
N LEU B 93 -21.60 22.21 -22.68
CA LEU B 93 -21.46 23.59 -23.13
C LEU B 93 -20.97 23.63 -24.57
N PRO B 94 -21.56 24.52 -25.38
CA PRO B 94 -21.14 24.65 -26.77
C PRO B 94 -19.74 25.24 -26.91
N ASP B 95 -19.13 25.00 -28.08
CA ASP B 95 -17.81 25.55 -28.36
C ASP B 95 -17.82 27.08 -28.26
N ASP B 96 -18.84 27.71 -28.83
CA ASP B 96 -18.94 29.16 -28.89
C ASP B 96 -19.70 29.74 -27.70
N PHE B 97 -19.29 29.37 -26.49
CA PHE B 97 -20.03 29.73 -25.28
C PHE B 97 -19.65 31.12 -24.80
N THR B 98 -20.68 31.92 -24.49
CA THR B 98 -20.55 33.33 -24.10
C THR B 98 -21.27 33.60 -22.77
N GLY B 99 -20.95 32.81 -21.74
CA GLY B 99 -21.55 33.01 -20.43
C GLY B 99 -20.59 32.77 -19.28
N CYS B 100 -21.11 32.56 -18.06
CA CYS B 100 -20.27 32.38 -16.88
C CYS B 100 -20.60 31.08 -16.16
N VAL B 101 -19.58 30.51 -15.54
CA VAL B 101 -19.70 29.29 -14.74
C VAL B 101 -19.24 29.61 -13.32
N ILE B 102 -20.15 29.47 -12.37
CA ILE B 102 -19.86 29.64 -10.95
C ILE B 102 -19.96 28.29 -10.28
N ALA B 103 -19.01 28.00 -9.39
CA ALA B 103 -18.95 26.73 -8.68
C ALA B 103 -18.49 26.98 -7.26
N TRP B 104 -19.01 26.22 -6.29
CA TRP B 104 -18.51 26.30 -4.93
C TRP B 104 -18.64 24.95 -4.23
N ASN B 105 -17.77 24.73 -3.25
CA ASN B 105 -17.78 23.48 -2.50
C ASN B 105 -18.97 23.47 -1.54
N SER B 106 -19.73 22.37 -1.53
CA SER B 106 -20.91 22.26 -0.69
C SER B 106 -20.89 20.99 0.16
N ASN B 107 -19.68 20.56 0.55
CA ASN B 107 -19.52 19.41 1.45
C ASN B 107 -20.38 19.55 2.70
N LYS B 108 -20.47 20.76 3.26
CA LYS B 108 -21.26 20.97 4.47
C LYS B 108 -22.74 20.67 4.24
N LEU B 109 -23.24 20.86 3.02
CA LEU B 109 -24.66 20.71 2.71
C LEU B 109 -25.04 19.42 2.00
N ASP B 110 -24.13 18.82 1.22
CA ASP B 110 -24.52 17.74 0.31
C ASP B 110 -23.86 16.41 0.62
N SER B 111 -23.17 16.29 1.73
CA SER B 111 -22.62 14.99 2.10
C SER B 111 -23.08 14.66 3.52
N LYS B 112 -23.07 13.37 3.83
CA LYS B 112 -23.40 12.91 5.16
C LYS B 112 -22.70 11.59 5.40
N VAL B 113 -22.63 11.22 6.68
CA VAL B 113 -21.78 10.11 7.10
C VAL B 113 -22.26 8.80 6.50
N SER B 114 -23.58 8.61 6.38
CA SER B 114 -24.02 7.37 5.76
C SER B 114 -23.91 7.42 4.24
N GLY B 115 -23.54 8.56 3.68
CA GLY B 115 -23.42 8.66 2.25
C GLY B 115 -24.66 9.30 1.68
N ASN B 116 -24.49 10.38 0.91
CA ASN B 116 -25.61 11.03 0.25
C ASN B 116 -25.78 10.41 -1.13
N TYR B 117 -26.88 9.68 -1.32
CA TYR B 117 -27.18 9.06 -2.60
C TYR B 117 -28.25 9.82 -3.38
N ASN B 118 -28.53 11.07 -2.96
CA ASN B 118 -29.51 11.93 -3.64
C ASN B 118 -29.11 12.31 -5.05
N TYR B 119 -27.81 12.42 -5.31
CA TYR B 119 -27.30 13.03 -6.53
C TYR B 119 -26.78 11.96 -7.47
N LEU B 120 -27.23 12.01 -8.72
CA LEU B 120 -26.89 11.01 -9.72
C LEU B 120 -26.19 11.68 -10.90
N TYR B 121 -25.49 10.88 -11.70
CA TYR B 121 -24.96 11.30 -12.97
C TYR B 121 -25.12 10.15 -13.94
N ARG B 122 -25.20 10.46 -15.23
CA ARG B 122 -25.33 9.44 -16.26
C ARG B 122 -23.96 8.93 -16.66
N LEU B 123 -23.80 7.61 -16.67
CA LEU B 123 -22.50 7.00 -16.92
C LEU B 123 -22.36 6.37 -18.30
N PHE B 124 -23.47 5.94 -18.91
CA PHE B 124 -23.46 5.30 -20.21
C PHE B 124 -24.47 5.99 -21.11
N ARG B 125 -24.13 6.08 -22.40
CA ARG B 125 -25.06 6.62 -23.38
C ARG B 125 -24.57 6.29 -24.77
N LYS B 126 -25.52 6.02 -25.68
CA LYS B 126 -25.15 5.63 -27.04
C LYS B 126 -24.31 6.71 -27.72
N SER B 127 -24.72 7.96 -27.60
CA SER B 127 -24.02 9.08 -28.23
C SER B 127 -23.81 10.20 -27.23
N ASN B 128 -22.92 11.14 -27.59
CA ASN B 128 -22.69 12.31 -26.77
C ASN B 128 -23.86 13.28 -26.90
N LEU B 129 -23.95 14.21 -25.95
CA LEU B 129 -25.01 15.21 -25.93
C LEU B 129 -24.70 16.37 -26.87
N LYS B 130 -25.72 16.82 -27.59
CA LYS B 130 -25.68 18.14 -28.19
C LYS B 130 -25.66 19.19 -27.08
N PRO B 131 -25.12 20.38 -27.35
CA PRO B 131 -25.04 21.40 -26.30
C PRO B 131 -26.41 21.79 -25.75
N PHE B 132 -26.45 22.00 -24.43
CA PHE B 132 -27.65 22.35 -23.66
C PHE B 132 -28.76 21.32 -23.80
N GLU B 133 -28.43 20.09 -24.14
CA GLU B 133 -29.40 19.02 -24.14
C GLU B 133 -29.47 18.36 -22.75
N ARG B 134 -30.65 17.86 -22.42
CA ARG B 134 -30.92 17.16 -21.16
C ARG B 134 -31.49 15.77 -21.48
N ASP B 135 -31.01 14.75 -20.78
CA ASP B 135 -31.53 13.39 -20.98
C ASP B 135 -31.88 12.81 -19.61
N ILE B 136 -33.17 12.65 -19.35
CA ILE B 136 -33.63 12.09 -18.07
C ILE B 136 -34.15 10.67 -18.22
N SER B 137 -34.01 10.07 -19.41
CA SER B 137 -34.48 8.70 -19.61
C SER B 137 -33.75 7.74 -18.68
N THR B 138 -34.45 6.68 -18.28
CA THR B 138 -33.86 5.63 -17.44
C THR B 138 -33.89 4.29 -18.16
N GLU B 139 -33.78 4.30 -19.48
CA GLU B 139 -33.78 3.06 -20.24
C GLU B 139 -32.47 2.30 -20.00
N ILE B 140 -32.56 0.97 -19.92
CA ILE B 140 -31.39 0.16 -19.65
C ILE B 140 -30.43 0.24 -20.83
N TYR B 141 -29.17 0.58 -20.54
CA TYR B 141 -28.17 0.69 -21.59
C TYR B 141 -27.75 -0.69 -22.07
N GLN B 142 -27.83 -0.88 -23.38
CA GLN B 142 -27.49 -2.14 -24.03
C GLN B 142 -26.02 -2.11 -24.39
N ALA B 143 -25.20 -2.80 -23.60
CA ALA B 143 -23.77 -2.90 -23.88
C ALA B 143 -23.48 -4.07 -24.82
N GLY B 144 -24.04 -5.24 -24.51
CA GLY B 144 -23.93 -6.39 -25.39
C GLY B 144 -24.80 -6.30 -26.64
N ASN B 145 -25.03 -7.44 -27.27
CA ASN B 145 -25.78 -7.50 -28.52
C ASN B 145 -27.08 -8.30 -28.38
N LYS B 146 -27.53 -8.53 -27.14
CA LYS B 146 -28.85 -9.01 -26.76
C LYS B 146 -29.70 -7.86 -26.24
N PRO B 147 -31.00 -7.83 -26.58
CA PRO B 147 -31.90 -6.84 -25.97
C PRO B 147 -31.99 -7.04 -24.46
N CYS B 148 -32.20 -5.93 -23.76
CA CYS B 148 -32.29 -5.97 -22.30
C CYS B 148 -33.72 -6.03 -21.77
N ASN B 149 -34.70 -5.64 -22.60
CA ASN B 149 -36.11 -5.70 -22.24
C ASN B 149 -36.40 -5.03 -20.89
N GLY B 150 -35.59 -4.04 -20.51
CA GLY B 150 -35.86 -3.29 -19.31
C GLY B 150 -35.52 -3.93 -17.97
N VAL B 151 -34.57 -4.87 -17.93
CA VAL B 151 -34.03 -5.37 -16.67
C VAL B 151 -32.51 -5.37 -16.73
N ALA B 152 -31.88 -4.96 -15.63
CA ALA B 152 -30.43 -4.96 -15.57
C ALA B 152 -29.90 -6.38 -15.46
N GLY B 153 -28.77 -6.62 -16.11
CA GLY B 153 -28.13 -7.92 -16.04
C GLY B 153 -26.81 -7.89 -16.79
N PHE B 154 -26.34 -9.06 -17.20
CA PHE B 154 -25.12 -9.10 -17.98
C PHE B 154 -25.25 -8.22 -19.22
N ASN B 155 -24.35 -7.23 -19.33
CA ASN B 155 -24.28 -6.32 -20.49
C ASN B 155 -25.53 -5.49 -20.64
N CYS B 156 -26.26 -5.31 -19.56
CA CYS B 156 -27.48 -4.50 -19.53
C CYS B 156 -27.42 -3.68 -18.25
N TYR B 157 -27.10 -2.40 -18.39
CA TYR B 157 -26.76 -1.56 -17.25
C TYR B 157 -27.81 -0.47 -17.08
N PHE B 158 -28.30 -0.30 -15.85
CA PHE B 158 -28.97 0.93 -15.49
C PHE B 158 -27.97 2.07 -15.69
N PRO B 159 -28.31 3.10 -16.44
CA PRO B 159 -27.30 4.07 -16.88
C PRO B 159 -27.01 5.19 -15.90
N LEU B 160 -27.71 5.25 -14.76
CA LEU B 160 -27.51 6.32 -13.80
C LEU B 160 -26.80 5.79 -12.56
N LYS B 161 -25.70 6.42 -12.20
CA LYS B 161 -24.90 6.02 -11.06
C LYS B 161 -24.95 7.11 -10.01
N SER B 162 -24.92 6.69 -8.76
CA SER B 162 -25.03 7.60 -7.64
C SER B 162 -23.66 8.07 -7.18
N TYR B 163 -23.47 9.38 -7.05
CA TYR B 163 -22.35 9.84 -6.23
C TYR B 163 -22.62 9.37 -4.80
N SER B 164 -21.63 9.46 -3.95
CA SER B 164 -21.77 8.74 -2.70
C SER B 164 -21.45 9.65 -1.52
N PHE B 165 -21.72 10.94 -1.67
CA PHE B 165 -20.99 12.00 -0.97
C PHE B 165 -20.91 11.79 0.53
N ARG B 166 -19.69 11.62 1.03
CA ARG B 166 -19.43 11.58 2.46
C ARG B 166 -18.50 12.73 2.83
N PRO B 167 -18.62 13.29 4.04
CA PRO B 167 -17.82 14.49 4.37
C PRO B 167 -16.32 14.23 4.48
N THR B 168 -15.88 12.98 4.58
CA THR B 168 -14.46 12.67 4.68
C THR B 168 -13.79 12.41 3.33
N TYR B 169 -14.50 12.60 2.22
CA TYR B 169 -13.87 12.46 0.90
C TYR B 169 -12.86 13.58 0.66
N GLY B 170 -11.89 13.29 -0.21
CA GLY B 170 -10.98 14.32 -0.65
C GLY B 170 -11.70 15.39 -1.47
N VAL B 171 -11.01 16.52 -1.64
CA VAL B 171 -11.65 17.67 -2.27
C VAL B 171 -12.15 17.34 -3.67
N GLY B 172 -11.40 16.52 -4.40
CA GLY B 172 -11.78 16.14 -5.75
C GLY B 172 -13.01 15.25 -5.84
N HIS B 173 -13.37 14.58 -4.75
CA HIS B 173 -14.57 13.76 -4.68
C HIS B 173 -15.69 14.38 -3.86
N GLN B 174 -15.51 15.60 -3.40
CA GLN B 174 -16.55 16.25 -2.64
C GLN B 174 -17.56 16.89 -3.58
N PRO B 175 -18.79 17.16 -3.10
CA PRO B 175 -19.79 17.78 -3.98
C PRO B 175 -19.49 19.24 -4.22
N TYR B 176 -19.72 19.68 -5.46
CA TYR B 176 -19.68 21.10 -5.80
C TYR B 176 -20.99 21.49 -6.47
N ARG B 177 -21.55 22.62 -6.05
CA ARG B 177 -22.72 23.19 -6.69
C ARG B 177 -22.26 24.11 -7.80
N VAL B 178 -22.96 24.08 -8.93
CA VAL B 178 -22.54 24.75 -10.15
C VAL B 178 -23.72 25.54 -10.68
N VAL B 179 -23.49 26.78 -11.06
CA VAL B 179 -24.49 27.61 -11.70
C VAL B 179 -23.91 28.08 -13.03
N VAL B 180 -24.67 27.90 -14.11
CA VAL B 180 -24.20 28.23 -15.44
C VAL B 180 -25.12 29.30 -16.01
N LEU B 181 -24.55 30.45 -16.34
CA LEU B 181 -25.31 31.60 -16.82
C LEU B 181 -25.13 31.74 -18.32
N SER B 182 -26.22 31.63 -19.06
CA SER B 182 -26.24 31.91 -20.49
C SER B 182 -26.96 33.24 -20.74
N PHE B 183 -26.40 34.03 -21.66
CA PHE B 183 -27.01 35.29 -22.09
C PHE B 183 -27.28 35.24 -23.59
N GLU B 184 -28.51 35.55 -24.00
CA GLU B 184 -28.90 35.47 -25.40
C GLU B 184 -29.53 36.78 -25.87
N LEU B 185 -29.39 37.06 -27.17
CA LEU B 185 -29.86 38.29 -27.82
C LEU B 185 -30.64 37.93 -29.08
N LEU B 186 -31.95 37.75 -28.95
CA LEU B 186 -32.79 37.46 -30.10
C LEU B 186 -33.41 38.75 -30.61
N HIS B 187 -34.33 38.64 -31.57
CA HIS B 187 -34.94 39.83 -32.13
C HIS B 187 -35.76 40.59 -31.09
N ALA B 188 -36.29 39.88 -30.09
CA ALA B 188 -37.20 40.47 -29.10
C ALA B 188 -36.47 41.45 -28.19
N PRO B 189 -37.19 42.35 -27.52
CA PRO B 189 -36.54 43.39 -26.71
C PRO B 189 -35.79 42.84 -25.50
N ALA B 190 -34.79 43.60 -25.06
CA ALA B 190 -34.01 43.23 -23.89
C ALA B 190 -34.73 43.62 -22.62
N THR B 191 -34.76 42.70 -21.64
CA THR B 191 -35.47 42.93 -20.38
C THR B 191 -34.66 42.54 -19.16
N VAL B 192 -33.35 42.28 -19.29
CA VAL B 192 -32.48 41.97 -18.17
C VAL B 192 -31.26 42.89 -18.24
N CYS B 193 -31.06 43.69 -17.19
CA CYS B 193 -30.06 44.77 -17.24
C CYS B 193 -29.34 44.87 -15.90
N GLY B 194 -28.58 45.95 -15.70
CA GLY B 194 -27.83 46.17 -14.47
C GLY B 194 -27.52 47.62 -14.13
C1 NAG C . -6.75 1.30 -23.92
C2 NAG C . -6.15 2.34 -24.88
C3 NAG C . -6.08 3.72 -24.21
C4 NAG C . -7.43 4.12 -23.62
C5 NAG C . -7.91 3.02 -22.68
C6 NAG C . -9.28 3.28 -22.08
C7 NAG C . -4.62 1.44 -26.58
C8 NAG C . -3.21 1.04 -26.88
N2 NAG C . -4.84 1.91 -25.35
O3 NAG C . -5.64 4.71 -25.13
O4 NAG C . -7.33 5.35 -22.93
O5 NAG C . -8.00 1.77 -23.38
O6 NAG C . -10.32 2.81 -22.93
O7 NAG C . -5.51 1.35 -27.42
C1 FUC C . -4.30 5.18 -24.85
C2 FUC C . -3.75 5.93 -26.12
C3 FUC C . -4.50 7.28 -26.31
C4 FUC C . -4.17 8.20 -25.10
C5 FUC C . -4.62 7.49 -23.78
C6 FUC C . -4.15 8.20 -22.50
O2 FUC C . -3.80 5.13 -27.29
O3 FUC C . -4.12 7.95 -27.53
O4 FUC C . -2.76 8.51 -25.04
O5 FUC C . -4.20 6.05 -23.68
C1 NAG C . -8.25 6.38 -23.39
C2 NAG C . -8.29 7.53 -22.37
C3 NAG C . -9.23 8.64 -22.85
C4 NAG C . -8.86 9.10 -24.25
C5 NAG C . -8.82 7.89 -25.19
C6 NAG C . -8.39 8.25 -26.59
C7 NAG C . -7.80 6.77 -20.09
C8 NAG C . -8.37 6.30 -18.79
N2 NAG C . -8.68 7.06 -21.05
O3 NAG C . -9.20 9.73 -21.93
O4 NAG C . -9.78 10.06 -24.75
O5 NAG C . -7.91 6.90 -24.70
O6 NAG C . -9.39 8.98 -27.28
O7 NAG C . -6.60 6.87 -20.28
ZN ZN D . 5.75 -0.24 5.36
CL CL E . 12.35 -22.83 13.03
C1 NAG F . 16.97 22.24 2.43
C2 NAG F . 18.09 22.12 3.42
C3 NAG F . 17.78 22.93 4.67
C4 NAG F . 17.62 24.40 4.28
C5 NAG F . 16.56 24.56 3.19
C6 NAG F . 16.56 25.95 2.57
C7 NAG F . 19.50 20.12 3.45
C8 NAG F . 19.63 18.68 3.85
N2 NAG F . 18.34 20.72 3.76
O3 NAG F . 18.84 22.79 5.62
O4 NAG F . 17.30 25.21 5.41
O5 NAG F . 16.78 23.65 2.09
O6 NAG F . 17.86 26.34 2.15
O7 NAG F . 20.41 20.73 2.89
C1 NAG G . 0.06 22.57 -0.31
C2 NAG G . -0.85 23.46 0.54
C3 NAG G . -1.60 24.48 -0.34
C4 NAG G . -0.59 25.31 -1.12
C5 NAG G . 0.32 24.41 -1.96
C6 NAG G . 1.43 25.17 -2.66
C7 NAG G . -1.89 22.76 2.65
C8 NAG G . -2.91 21.87 3.30
N2 NAG G . -1.80 22.68 1.32
O3 NAG G . -2.41 25.32 0.47
O4 NAG G . -1.26 26.28 -1.93
O5 NAG G . 0.96 23.41 -1.13
O6 NAG G . 1.97 26.22 -1.86
O7 NAG G . -1.17 23.53 3.32
C1 NAG H . -16.24 4.91 19.90
C2 NAG H . -16.67 6.36 19.64
C3 NAG H . -17.98 6.67 20.36
C4 NAG H . -19.06 5.66 19.99
C5 NAG H . -18.55 4.24 20.23
C6 NAG H . -19.50 3.18 19.74
C7 NAG H . -15.06 8.17 19.16
C8 NAG H . -14.02 9.07 19.73
N2 NAG H . -15.63 7.30 20.02
O3 NAG H . -18.40 8.00 20.07
O4 NAG H . -20.24 5.88 20.73
O5 NAG H . -17.30 4.02 19.54
O6 NAG H . -18.86 2.26 18.87
O7 NAG H . -15.37 8.20 17.97
C1 NAG I . -27.39 34.02 -0.32
C2 NAG I . -27.35 35.38 -1.09
C3 NAG I . -26.22 36.27 -0.54
C4 NAG I . -26.35 36.41 0.98
C5 NAG I . -26.41 35.04 1.65
C6 NAG I . -26.69 35.14 3.14
C7 NAG I . -27.78 36.01 -3.45
C8 NAG I . -27.50 35.66 -4.88
N2 NAG I . -27.21 35.20 -2.53
O3 NAG I . -26.22 37.55 -1.15
O4 NAG I . -25.27 37.18 1.51
O5 NAG I . -27.49 34.25 1.10
O6 NAG I . -28.06 35.36 3.42
O7 NAG I . -28.47 36.98 -3.13
#